data_5AFH
#
_entry.id   5AFH
#
_cell.length_a   85.520
_cell.length_b   112.504
_cell.length_c   143.109
_cell.angle_alpha   90.00
_cell.angle_beta   90.00
_cell.angle_gamma   90.00
#
_symmetry.space_group_name_H-M   'P 21 21 21'
#
loop_
_entity.id
_entity.type
_entity.pdbx_description
1 polymer 'ACETYLCHOLINE-BINDING PROTEIN, NEURONAL ACETYLCHOLINE RECEPTOR SUBUNIT ALPHA-7'
2 branched alpha-D-mannopyranose-(1-3)-beta-D-mannopyranose-(1-4)-2-acetamido-2-deoxy-beta-D-glucopyranose-(1-4)-2-acetamido-2-deoxy-beta-D-glucopyranose
3 branched 2-acetamido-2-deoxy-beta-D-glucopyranose-(1-4)-2-acetamido-2-deoxy-beta-D-glucopyranose
4 non-polymer Alpha-Lobeline
5 water water
#
_entity_poly.entity_id   1
_entity_poly.type   'polypeptide(L)'
_entity_poly.pdbx_seq_one_letter_code
;GEFQRKLYKELVKNYNPDVIPTQRDRPVTVYFSLSLLQIMDVDEKNQVVDVVFWLQMSWTDHYLQWNVSEYPGVKQVSVP
ISSLWVPDLAAYNAISKPEVLTPQLALVNSSGHVQYLPSIRQRFSCDVSGVDTESGATCKLKFGSWTHHSRELDLQMQEA
DISGYIPYSRFELVGVTQKRSERFYECCKEPYPDVTFTVTFRKKG
;
_entity_poly.pdbx_strand_id   A,B,C,D,E
#
loop_
_chem_comp.id
_chem_comp.type
_chem_comp.name
_chem_comp.formula
BMA D-saccharide, beta linking beta-D-mannopyranose 'C6 H12 O6'
L0B non-polymer Alpha-Lobeline 'C22 H27 N O2'
MAN D-saccharide, alpha linking alpha-D-mannopyranose 'C6 H12 O6'
NAG D-saccharide, beta linking 2-acetamido-2-deoxy-beta-D-glucopyranose 'C8 H15 N O6'
#
# COMPACT_ATOMS: atom_id res chain seq x y z
N GLY A 1 21.13 12.42 22.98
CA GLY A 1 21.03 12.84 24.37
C GLY A 1 19.65 12.66 24.98
N GLU A 2 19.58 12.72 26.30
CA GLU A 2 18.29 12.62 26.95
C GLU A 2 17.52 13.93 26.83
N PHE A 3 18.22 15.04 26.67
CA PHE A 3 17.52 16.31 26.46
C PHE A 3 16.72 16.25 25.20
N GLN A 4 17.29 15.64 24.17
CA GLN A 4 16.63 15.69 22.88
C GLN A 4 15.43 14.78 23.04
N ARG A 5 15.58 13.69 23.80
CA ARG A 5 14.47 12.78 24.06
C ARG A 5 13.35 13.41 24.90
N LYS A 6 13.68 14.23 25.90
CA LYS A 6 12.62 14.92 26.65
C LYS A 6 11.87 15.89 25.73
N LEU A 7 12.62 16.54 24.83
CA LEU A 7 12.05 17.57 23.97
C LEU A 7 11.06 16.95 23.00
N TYR A 8 11.46 15.83 22.39
CA TYR A 8 10.58 15.08 21.51
C TYR A 8 9.31 14.69 22.22
N LYS A 9 9.47 14.28 23.46
CA LYS A 9 8.34 13.90 24.28
C LYS A 9 7.44 15.12 24.45
N GLU A 10 8.01 16.27 24.81
CA GLU A 10 7.18 17.45 25.07
C GLU A 10 6.59 18.09 23.81
N LEU A 11 7.24 17.93 22.67
CA LEU A 11 6.70 18.52 21.44
C LEU A 11 5.37 17.90 21.05
N VAL A 12 5.17 16.66 21.47
CA VAL A 12 4.03 15.87 21.03
C VAL A 12 2.88 15.95 22.06
N LYS A 13 3.23 16.31 23.30
CA LYS A 13 2.26 16.50 24.37
C LYS A 13 1.26 17.59 24.08
N ASN A 14 -0.02 17.24 24.20
CA ASN A 14 -1.11 18.18 24.02
C ASN A 14 -1.02 18.89 22.69
N TYR A 15 -0.66 18.12 21.67
CA TYR A 15 -0.45 18.65 20.35
C TYR A 15 -1.28 17.84 19.37
N ASN A 16 -2.11 18.54 18.61
CA ASN A 16 -2.94 17.93 17.61
C ASN A 16 -2.47 18.33 16.23
N PRO A 17 -1.93 17.36 15.47
CA PRO A 17 -1.43 17.64 14.13
C PRO A 17 -2.52 17.91 13.08
N ASP A 18 -3.79 17.85 13.46
CA ASP A 18 -4.86 18.17 12.53
C ASP A 18 -5.25 19.64 12.63
N VAL A 19 -4.74 20.33 13.65
CA VAL A 19 -5.09 21.72 13.90
C VAL A 19 -4.07 22.70 13.32
N ILE A 20 -4.48 23.46 12.32
CA ILE A 20 -3.61 24.45 11.71
C ILE A 20 -3.18 25.41 12.81
N PRO A 21 -1.88 25.75 12.90
CA PRO A 21 -1.38 26.51 14.05
C PRO A 21 -1.53 28.03 13.94
N THR A 22 -2.73 28.51 13.74
CA THR A 22 -2.99 29.95 13.65
C THR A 22 -2.98 30.61 15.02
N GLN A 23 -2.69 31.91 15.03
CA GLN A 23 -2.97 32.76 16.18
C GLN A 23 -3.92 33.84 15.73
N ARG A 24 -4.99 34.04 16.49
CA ARG A 24 -6.07 34.95 16.12
C ARG A 24 -5.51 36.31 15.65
N ASP A 25 -6.07 36.80 14.53
CA ASP A 25 -5.60 37.94 13.71
C ASP A 25 -4.59 37.50 12.64
N ARG A 26 -3.92 36.38 12.88
CA ARG A 26 -2.83 35.94 12.02
C ARG A 26 -3.15 34.64 11.28
N PRO A 27 -2.91 34.63 9.96
CA PRO A 27 -2.89 33.38 9.19
C PRO A 27 -1.51 32.74 9.25
N VAL A 28 -1.40 31.44 8.96
CA VAL A 28 -0.10 30.79 8.90
C VAL A 28 0.55 31.02 7.53
N THR A 29 1.67 31.71 7.53
CA THR A 29 2.43 31.93 6.30
C THR A 29 3.23 30.69 5.96
N VAL A 30 2.96 30.11 4.79
CA VAL A 30 3.67 28.95 4.28
C VAL A 30 4.49 29.33 3.04
N TYR A 31 5.82 29.29 3.16
CA TYR A 31 6.67 29.61 2.02
C TYR A 31 6.83 28.37 1.16
N PHE A 32 6.72 28.54 -0.15
CA PHE A 32 6.57 27.42 -1.05
C PHE A 32 7.40 27.59 -2.31
N SER A 33 8.07 26.52 -2.70
CA SER A 33 8.99 26.54 -3.81
C SER A 33 8.97 25.20 -4.53
N LEU A 34 9.05 25.23 -5.85
CA LEU A 34 9.12 24.00 -6.63
C LEU A 34 10.33 24.05 -7.53
N SER A 35 11.22 23.08 -7.39
CA SER A 35 12.36 22.93 -8.29
C SER A 35 12.16 21.75 -9.22
N LEU A 36 12.00 22.02 -10.51
CA LEU A 36 11.85 20.93 -11.48
C LEU A 36 13.18 20.15 -11.67
N LEU A 37 13.13 18.83 -11.51
CA LEU A 37 14.32 17.98 -11.64
C LEU A 37 14.39 17.23 -12.98
N GLN A 38 13.29 16.64 -13.40
CA GLN A 38 13.30 15.81 -14.60
C GLN A 38 11.91 15.74 -15.20
N ILE A 39 11.83 15.84 -16.52
CA ILE A 39 10.58 15.51 -17.17
C ILE A 39 10.69 14.07 -17.63
N MET A 40 9.92 13.20 -16.98
CA MET A 40 10.06 11.77 -17.15
C MET A 40 9.40 11.26 -18.41
N ASP A 41 8.35 11.92 -18.86
CA ASP A 41 7.58 11.38 -19.97
C ASP A 41 6.49 12.33 -20.43
N VAL A 42 6.23 12.32 -21.73
CA VAL A 42 5.10 13.03 -22.30
C VAL A 42 4.20 12.01 -22.97
N ASP A 43 2.93 12.05 -22.59
CA ASP A 43 1.93 11.24 -23.27
C ASP A 43 1.14 12.17 -24.19
N GLU A 44 1.45 12.15 -25.48
CA GLU A 44 0.83 13.07 -26.43
C GLU A 44 -0.57 12.61 -26.80
N LYS A 45 -0.87 11.35 -26.52
CA LYS A 45 -2.20 10.81 -26.82
C LYS A 45 -3.21 11.23 -25.74
N ASN A 46 -2.80 11.13 -24.48
CA ASN A 46 -3.70 11.34 -23.35
C ASN A 46 -3.42 12.65 -22.62
N GLN A 47 -2.53 13.45 -23.20
CA GLN A 47 -2.25 14.80 -22.71
C GLN A 47 -1.80 14.81 -21.26
N VAL A 48 -0.67 14.15 -21.01
CA VAL A 48 -0.16 13.96 -19.67
C VAL A 48 1.33 14.22 -19.63
N VAL A 49 1.79 14.90 -18.59
CA VAL A 49 3.21 15.00 -18.35
C VAL A 49 3.55 14.37 -16.99
N ASP A 50 4.68 13.65 -16.98
CA ASP A 50 5.18 12.93 -15.83
C ASP A 50 6.46 13.62 -15.34
N VAL A 51 6.44 14.22 -14.15
CA VAL A 51 7.59 15.00 -13.70
C VAL A 51 8.11 14.61 -12.31
N VAL A 52 9.41 14.82 -12.13
CA VAL A 52 10.02 14.71 -10.82
C VAL A 52 10.42 16.10 -10.36
N PHE A 53 10.02 16.47 -9.16
CA PHE A 53 10.28 17.82 -8.67
C PHE A 53 10.51 17.81 -7.18
N TRP A 54 11.21 18.84 -6.70
CA TRP A 54 11.54 19.01 -5.30
C TRP A 54 10.68 20.13 -4.73
N LEU A 55 9.83 19.80 -3.76
CA LEU A 55 9.02 20.83 -3.10
C LEU A 55 9.76 21.33 -1.89
N GLN A 56 9.72 22.64 -1.68
CA GLN A 56 10.19 23.21 -0.42
C GLN A 56 9.08 23.98 0.28
N MET A 57 8.70 23.51 1.47
CA MET A 57 7.67 24.13 2.29
C MET A 57 8.22 24.51 3.64
N SER A 58 7.90 25.72 4.10
CA SER A 58 8.29 26.08 5.45
C SER A 58 7.24 27.02 6.01
N TRP A 59 7.09 26.97 7.33
CA TRP A 59 6.10 27.78 8.04
C TRP A 59 6.50 27.72 9.50
N THR A 60 5.96 28.64 10.29
CA THR A 60 6.19 28.62 11.73
C THR A 60 5.01 27.99 12.46
N ASP A 61 5.28 26.97 13.28
CA ASP A 61 4.27 26.41 14.16
C ASP A 61 4.60 26.83 15.58
N HIS A 62 3.85 27.78 16.12
CA HIS A 62 4.30 28.36 17.37
C HIS A 62 4.01 27.43 18.57
N TYR A 63 3.29 26.33 18.34
CA TYR A 63 3.07 25.34 19.38
C TYR A 63 4.28 24.40 19.49
N LEU A 64 5.27 24.61 18.62
CA LEU A 64 6.40 23.70 18.50
C LEU A 64 7.71 24.35 18.95
N GLN A 65 7.62 25.52 19.57
CA GLN A 65 8.84 26.21 20.00
C GLN A 65 9.24 25.72 21.37
N TRP A 66 10.50 25.95 21.73
CA TRP A 66 10.98 25.58 23.06
C TRP A 66 12.09 26.53 23.47
N ASN A 67 12.27 26.70 24.78
CA ASN A 67 13.34 27.53 25.29
C ASN A 67 14.63 26.69 25.32
N VAL A 68 15.64 27.14 24.57
CA VAL A 68 16.86 26.36 24.43
C VAL A 68 17.65 26.24 25.74
N SER A 69 17.42 27.15 26.68
CA SER A 69 18.11 27.02 27.96
C SER A 69 17.62 25.76 28.68
N GLU A 70 16.34 25.42 28.50
CA GLU A 70 15.78 24.24 29.12
C GLU A 70 16.20 22.97 28.37
N TYR A 71 16.72 23.13 27.15
CA TYR A 71 17.15 21.99 26.34
C TYR A 71 18.50 22.28 25.71
N PRO A 72 19.54 22.36 26.56
CA PRO A 72 20.87 22.94 26.31
C PRO A 72 21.46 22.72 24.93
N GLY A 73 21.64 21.48 24.50
CA GLY A 73 22.27 21.26 23.20
C GLY A 73 21.31 21.38 22.02
N VAL A 74 20.04 21.13 22.29
CA VAL A 74 19.06 20.95 21.22
C VAL A 74 18.66 22.24 20.51
N LYS A 75 19.11 22.41 19.26
CA LYS A 75 18.75 23.60 18.50
C LYS A 75 17.84 23.32 17.31
N GLN A 76 17.78 22.08 16.88
CA GLN A 76 16.76 21.66 15.90
C GLN A 76 16.47 20.18 16.08
N VAL A 77 15.32 19.72 15.62
CA VAL A 77 15.03 18.29 15.68
C VAL A 77 14.44 17.82 14.36
N SER A 78 14.61 16.52 14.11
CA SER A 78 14.08 15.86 12.92
C SER A 78 12.99 14.88 13.34
N VAL A 79 11.83 15.06 12.72
CA VAL A 79 10.56 14.61 13.23
C VAL A 79 9.72 14.05 12.07
N PRO A 80 9.04 12.91 12.29
CA PRO A 80 8.19 12.42 11.19
C PRO A 80 7.00 13.35 11.00
N ILE A 81 6.61 13.62 9.75
CA ILE A 81 5.55 14.59 9.46
C ILE A 81 4.17 14.16 9.96
N SER A 82 3.96 12.86 10.13
CA SER A 82 2.69 12.40 10.71
C SER A 82 2.47 12.98 12.11
N SER A 83 3.54 13.41 12.77
CA SER A 83 3.42 13.90 14.14
C SER A 83 3.27 15.43 14.26
N LEU A 84 3.26 16.14 13.14
CA LEU A 84 2.96 17.57 13.22
C LEU A 84 2.04 18.06 12.11
N TRP A 85 1.48 19.25 12.27
CA TRP A 85 0.64 19.81 11.22
C TRP A 85 1.47 20.11 9.99
N VAL A 86 0.98 19.73 8.82
CA VAL A 86 1.62 20.10 7.55
C VAL A 86 0.57 20.68 6.60
N PRO A 87 0.95 21.69 5.80
CA PRO A 87 0.03 22.28 4.82
C PRO A 87 -0.62 21.22 3.93
N ASP A 88 -1.94 21.31 3.73
CA ASP A 88 -2.67 20.38 2.87
C ASP A 88 -2.65 20.86 1.43
N LEU A 89 -1.46 21.05 0.86
CA LEU A 89 -1.36 21.54 -0.50
C LEU A 89 -1.75 20.44 -1.48
N ALA A 90 -2.61 20.79 -2.43
CA ALA A 90 -3.07 19.84 -3.41
C ALA A 90 -2.54 20.25 -4.77
N ALA A 91 -2.24 19.27 -5.60
CA ALA A 91 -1.87 19.54 -6.96
C ALA A 91 -3.18 19.60 -7.77
N TYR A 92 -3.67 20.81 -8.03
CA TYR A 92 -5.01 21.00 -8.59
C TYR A 92 -5.26 20.18 -9.85
N ASN A 93 -4.22 20.00 -10.67
CA ASN A 93 -4.44 19.31 -11.94
C ASN A 93 -3.64 18.01 -12.05
N ALA A 94 -3.36 17.37 -10.93
CA ALA A 94 -2.68 16.08 -10.95
C ALA A 94 -3.65 15.02 -11.39
N ILE A 95 -3.15 14.00 -12.09
CA ILE A 95 -4.03 12.89 -12.45
C ILE A 95 -3.56 11.57 -11.84
N SER A 96 -2.54 11.67 -10.97
CA SER A 96 -2.01 10.53 -10.23
C SER A 96 -1.65 10.98 -8.80
N LYS A 97 -1.71 10.05 -7.85
CA LYS A 97 -1.24 10.31 -6.48
C LYS A 97 0.24 10.61 -6.52
N PRO A 98 0.71 11.47 -5.61
CA PRO A 98 2.14 11.76 -5.62
C PRO A 98 2.98 10.59 -5.07
N GLU A 99 4.17 10.38 -5.62
CA GLU A 99 5.09 9.37 -5.12
C GLU A 99 6.21 10.13 -4.42
N VAL A 100 6.19 10.13 -3.09
CA VAL A 100 7.22 10.81 -2.32
C VAL A 100 8.49 9.94 -2.31
N LEU A 101 9.61 10.49 -2.78
CA LEU A 101 10.82 9.72 -3.00
C LEU A 101 11.75 9.69 -1.79
N THR A 102 11.54 10.66 -0.90
CA THR A 102 12.44 10.97 0.20
C THR A 102 11.85 10.61 1.57
N PRO A 103 12.70 10.55 2.62
CA PRO A 103 12.20 10.26 3.96
C PRO A 103 11.14 11.27 4.39
N GLN A 104 10.03 10.80 4.96
CA GLN A 104 8.97 11.71 5.35
C GLN A 104 9.25 12.39 6.69
N LEU A 105 10.22 13.30 6.70
CA LEU A 105 10.66 13.95 7.93
C LEU A 105 10.68 15.46 7.78
N ALA A 106 10.51 16.17 8.89
CA ALA A 106 10.65 17.62 8.88
C ALA A 106 11.67 18.09 9.89
N LEU A 107 12.34 19.20 9.55
CA LEU A 107 13.22 19.86 10.47
C LEU A 107 12.46 20.96 11.20
N VAL A 108 12.74 21.09 12.48
CA VAL A 108 12.09 22.11 13.29
C VAL A 108 13.12 22.78 14.18
N ASN A 109 13.24 24.11 14.11
CA ASN A 109 14.16 24.79 15.04
C ASN A 109 13.38 25.28 16.25
N SER A 110 14.07 25.95 17.17
CA SER A 110 13.50 26.21 18.48
C SER A 110 12.47 27.34 18.49
N SER A 111 12.29 27.98 17.34
CA SER A 111 11.26 29.00 17.20
C SER A 111 9.99 28.39 16.67
N GLY A 112 10.03 27.09 16.43
CA GLY A 112 8.88 26.40 15.88
C GLY A 112 8.81 26.48 14.36
N HIS A 113 9.88 26.96 13.73
CA HIS A 113 9.92 27.02 12.28
C HIS A 113 10.21 25.64 11.70
N VAL A 114 9.32 25.21 10.82
CA VAL A 114 9.33 23.86 10.27
C VAL A 114 9.82 23.90 8.84
N GLN A 115 10.59 22.89 8.46
CA GLN A 115 10.96 22.75 7.08
C GLN A 115 10.73 21.33 6.64
N TYR A 116 10.00 21.20 5.52
CA TYR A 116 9.61 19.92 4.98
C TYR A 116 9.89 20.00 3.50
N LEU A 117 10.61 19.02 2.97
CA LEU A 117 11.23 19.18 1.65
C LEU A 117 11.19 17.93 0.81
N PRO A 118 9.98 17.45 0.51
CA PRO A 118 9.90 16.18 -0.21
C PRO A 118 10.34 16.28 -1.66
N SER A 119 10.97 15.23 -2.13
CA SER A 119 11.12 15.02 -3.56
C SER A 119 9.98 14.11 -4.06
N ILE A 120 9.36 14.51 -5.16
CA ILE A 120 8.09 13.92 -5.56
C ILE A 120 8.09 13.58 -7.04
N ARG A 121 7.56 12.41 -7.39
CA ARG A 121 7.22 12.13 -8.78
C ARG A 121 5.72 12.12 -8.94
N GLN A 122 5.20 12.78 -9.97
CA GLN A 122 3.75 12.94 -10.13
C GLN A 122 3.36 13.25 -11.56
N ARG A 123 2.25 12.68 -12.00
CA ARG A 123 1.75 12.95 -13.34
C ARG A 123 0.65 14.01 -13.35
N PHE A 124 0.72 14.91 -14.32
CA PHE A 124 -0.21 16.02 -14.43
C PHE A 124 -0.88 16.07 -15.77
N SER A 125 -2.12 16.53 -15.77
CA SER A 125 -2.79 16.88 -17.01
C SER A 125 -2.09 18.04 -17.69
N CYS A 126 -1.83 17.90 -18.98
CA CYS A 126 -1.18 18.98 -19.69
C CYS A 126 -1.35 18.86 -21.19
N ASP A 127 -1.50 20.00 -21.85
CA ASP A 127 -1.44 20.05 -23.30
C ASP A 127 0.02 19.95 -23.81
N VAL A 128 0.43 18.76 -24.21
CA VAL A 128 1.81 18.56 -24.63
C VAL A 128 1.95 18.63 -26.14
N SER A 129 1.02 19.32 -26.80
CA SER A 129 0.97 19.36 -28.26
C SER A 129 2.25 19.84 -28.92
N GLY A 130 2.80 20.96 -28.45
CA GLY A 130 3.90 21.59 -29.15
C GLY A 130 5.30 21.13 -28.79
N VAL A 131 5.43 20.02 -28.04
CA VAL A 131 6.71 19.56 -27.49
C VAL A 131 7.84 19.35 -28.53
N ASP A 132 7.49 19.07 -29.78
CA ASP A 132 8.50 18.80 -30.78
C ASP A 132 8.62 19.99 -31.74
N THR A 133 8.07 21.12 -31.31
CA THR A 133 8.18 22.38 -32.05
C THR A 133 9.16 23.30 -31.35
N GLU A 134 9.54 24.38 -32.03
CA GLU A 134 10.50 25.33 -31.47
C GLU A 134 9.96 26.05 -30.25
N SER A 135 8.65 26.34 -30.26
CA SER A 135 7.99 26.98 -29.12
C SER A 135 7.85 26.08 -27.90
N GLY A 136 7.69 24.78 -28.13
CA GLY A 136 7.60 23.80 -27.06
C GLY A 136 6.21 23.67 -26.47
N ALA A 137 6.10 22.81 -25.48
CA ALA A 137 4.87 22.61 -24.74
C ALA A 137 4.90 23.42 -23.46
N THR A 138 3.74 23.75 -22.92
CA THR A 138 3.69 24.55 -21.70
C THR A 138 2.74 23.89 -20.71
N CYS A 139 3.26 23.50 -19.56
CA CYS A 139 2.45 22.81 -18.56
C CYS A 139 2.28 23.72 -17.37
N LYS A 140 1.06 23.81 -16.87
CA LYS A 140 0.82 24.52 -15.63
C LYS A 140 0.73 23.50 -14.50
N LEU A 141 1.62 23.63 -13.53
CA LEU A 141 1.55 22.83 -12.31
C LEU A 141 0.98 23.74 -11.23
N LYS A 142 -0.26 23.47 -10.87
CA LYS A 142 -1.01 24.36 -9.98
C LYS A 142 -1.23 23.76 -8.60
N PHE A 143 -0.76 24.47 -7.58
CA PHE A 143 -0.86 24.04 -6.18
C PHE A 143 -1.57 25.04 -5.29
N GLY A 144 -2.26 24.53 -4.27
CA GLY A 144 -2.89 25.36 -3.27
C GLY A 144 -3.52 24.54 -2.17
N SER A 145 -3.84 25.19 -1.05
CA SER A 145 -4.46 24.49 0.06
C SER A 145 -5.89 24.04 -0.32
N TRP A 146 -6.26 22.83 0.09
CA TRP A 146 -7.54 22.26 -0.29
C TRP A 146 -8.68 22.73 0.59
N THR A 147 -8.37 23.08 1.83
CA THR A 147 -9.41 23.35 2.82
C THR A 147 -9.19 24.60 3.67
N HIS A 148 -8.15 25.37 3.36
CA HIS A 148 -7.75 26.55 4.15
C HIS A 148 -7.68 27.78 3.25
N HIS A 149 -8.53 28.77 3.54
CA HIS A 149 -8.53 30.00 2.75
C HIS A 149 -7.45 30.98 3.18
N SER A 150 -7.34 32.09 2.46
CA SER A 150 -6.30 33.10 2.62
C SER A 150 -6.05 33.60 4.04
N ARG A 151 -7.11 33.72 4.84
CA ARG A 151 -6.95 34.27 6.17
C ARG A 151 -6.63 33.16 7.20
N GLU A 152 -6.56 31.91 6.74
CA GLU A 152 -6.05 30.81 7.56
C GLU A 152 -4.63 30.38 7.12
N LEU A 153 -4.41 30.34 5.82
CA LEU A 153 -3.14 29.90 5.29
C LEU A 153 -2.74 30.81 4.13
N ASP A 154 -1.71 31.62 4.38
CA ASP A 154 -1.15 32.52 3.39
C ASP A 154 0.01 31.85 2.62
N LEU A 155 -0.30 31.43 1.40
CA LEU A 155 0.67 30.74 0.57
C LEU A 155 1.56 31.76 -0.15
N GLN A 156 2.86 31.66 0.07
CA GLN A 156 3.82 32.58 -0.54
C GLN A 156 4.80 31.87 -1.44
N MET A 157 4.97 32.38 -2.64
CA MET A 157 5.96 31.84 -3.56
C MET A 157 7.35 32.19 -3.10
N GLN A 158 8.33 31.40 -3.53
CA GLN A 158 9.71 31.82 -3.43
C GLN A 158 10.26 31.79 -4.83
N GLU A 159 11.49 32.22 -5.02
CA GLU A 159 11.94 32.48 -6.38
C GLU A 159 12.02 31.19 -7.18
N ALA A 160 11.87 31.32 -8.50
CA ALA A 160 11.88 30.20 -9.42
C ALA A 160 13.26 29.54 -9.44
N ASP A 161 13.30 28.21 -9.52
CA ASP A 161 14.59 27.51 -9.50
C ASP A 161 14.66 26.39 -10.54
N ILE A 162 15.41 26.63 -11.62
CA ILE A 162 15.64 25.58 -12.60
C ILE A 162 17.04 24.99 -12.50
N SER A 163 17.78 25.36 -11.46
CA SER A 163 19.18 24.95 -11.34
C SER A 163 19.32 23.41 -11.22
N GLY A 164 18.25 22.75 -10.80
CA GLY A 164 18.27 21.31 -10.57
C GLY A 164 17.86 20.46 -11.74
N TYR A 165 17.53 21.08 -12.87
CA TYR A 165 17.04 20.32 -14.00
C TYR A 165 18.18 19.52 -14.65
N ILE A 166 18.04 18.20 -14.75
CA ILE A 166 19.14 17.34 -15.23
C ILE A 166 19.52 17.74 -16.64
N PRO A 167 20.84 17.82 -16.90
CA PRO A 167 21.30 18.36 -18.19
C PRO A 167 21.25 17.33 -19.31
N TYR A 168 21.00 16.06 -19.01
CA TYR A 168 21.06 15.04 -20.05
C TYR A 168 19.66 14.52 -20.42
N SER A 169 18.63 15.26 -20.05
CA SER A 169 17.27 14.95 -20.45
C SER A 169 17.08 15.07 -21.96
N ARG A 170 16.14 14.31 -22.53
CA ARG A 170 15.84 14.51 -23.94
C ARG A 170 14.99 15.76 -24.16
N PHE A 171 14.51 16.36 -23.07
CA PHE A 171 13.81 17.64 -23.16
C PHE A 171 14.67 18.76 -22.65
N GLU A 172 14.69 19.84 -23.43
CA GLU A 172 15.30 21.09 -23.04
C GLU A 172 14.29 21.92 -22.25
N LEU A 173 14.61 22.20 -20.99
CA LEU A 173 13.78 23.06 -20.16
C LEU A 173 13.94 24.53 -20.58
N VAL A 174 13.01 25.04 -21.38
CA VAL A 174 13.12 26.41 -21.91
C VAL A 174 12.97 27.48 -20.83
N GLY A 175 12.02 27.30 -19.94
CA GLY A 175 11.83 28.23 -18.85
C GLY A 175 10.74 27.83 -17.90
N VAL A 176 10.80 28.37 -16.69
CA VAL A 176 9.75 28.20 -15.69
C VAL A 176 9.36 29.55 -15.09
N THR A 177 8.10 29.94 -15.26
CA THR A 177 7.57 31.13 -14.59
C THR A 177 6.55 30.74 -13.55
N GLN A 178 6.31 31.62 -12.58
CA GLN A 178 5.32 31.34 -11.55
C GLN A 178 4.41 32.51 -11.21
N LYS A 179 3.24 32.19 -10.71
CA LYS A 179 2.21 33.18 -10.40
C LYS A 179 1.40 32.76 -9.17
N ARG A 180 1.16 33.70 -8.27
CA ARG A 180 0.27 33.46 -7.13
C ARG A 180 -1.07 34.13 -7.40
N SER A 181 -2.16 33.42 -7.16
CA SER A 181 -3.48 33.97 -7.41
C SER A 181 -4.37 33.69 -6.23
N GLU A 182 -5.30 34.59 -5.95
CA GLU A 182 -6.35 34.31 -4.98
C GLU A 182 -7.69 34.17 -5.71
N ARG A 183 -8.21 32.95 -5.75
CA ARG A 183 -9.46 32.71 -6.44
C ARG A 183 -10.62 32.69 -5.46
N PHE A 184 -11.74 33.23 -5.88
CA PHE A 184 -13.00 32.99 -5.19
C PHE A 184 -13.65 31.82 -5.90
N TYR A 185 -14.12 30.86 -5.13
CA TYR A 185 -14.99 29.82 -5.63
C TYR A 185 -16.30 30.22 -5.01
N GLU A 186 -17.45 29.74 -5.45
CA GLU A 186 -18.53 30.03 -4.52
C GLU A 186 -19.15 28.75 -4.02
N CYS A 187 -18.26 27.93 -3.49
CA CYS A 187 -18.50 27.30 -2.22
C CYS A 187 -18.44 28.39 -1.18
N CYS A 188 -17.21 28.87 -0.95
CA CYS A 188 -16.88 29.72 0.19
C CYS A 188 -16.89 31.23 -0.08
N LYS A 189 -17.08 32.02 0.97
CA LYS A 189 -16.93 33.48 0.90
C LYS A 189 -15.48 33.91 0.67
N GLU A 190 -14.56 33.22 1.33
CA GLU A 190 -13.15 33.59 1.34
C GLU A 190 -12.41 33.12 0.09
N PRO A 191 -11.39 33.89 -0.36
CA PRO A 191 -10.55 33.44 -1.47
C PRO A 191 -9.59 32.34 -1.04
N TYR A 192 -9.10 31.56 -1.99
CA TYR A 192 -8.06 30.58 -1.74
C TYR A 192 -6.85 30.86 -2.61
N PRO A 193 -5.72 31.20 -1.98
CA PRO A 193 -4.53 31.38 -2.82
C PRO A 193 -4.07 30.08 -3.50
N ASP A 194 -3.61 30.18 -4.74
CA ASP A 194 -2.90 29.07 -5.36
C ASP A 194 -1.62 29.59 -6.01
N VAL A 195 -0.63 28.71 -6.10
CA VAL A 195 0.60 29.02 -6.79
C VAL A 195 0.74 28.17 -8.06
N THR A 196 0.99 28.82 -9.19
CA THR A 196 1.05 28.10 -10.45
C THR A 196 2.45 28.18 -11.05
N PHE A 197 3.03 27.04 -11.38
CA PHE A 197 4.35 27.02 -12.00
C PHE A 197 4.20 26.66 -13.45
N THR A 198 4.67 27.54 -14.31
CA THR A 198 4.49 27.37 -15.73
C THR A 198 5.81 26.95 -16.34
N VAL A 199 5.80 25.73 -16.86
CA VAL A 199 6.98 25.10 -17.41
C VAL A 199 6.90 25.02 -18.91
N THR A 200 7.87 25.61 -19.60
CA THR A 200 7.92 25.48 -21.04
C THR A 200 9.09 24.59 -21.42
N PHE A 201 8.84 23.58 -22.26
CA PHE A 201 9.89 22.62 -22.62
C PHE A 201 9.69 22.06 -24.04
N ARG A 202 10.76 21.51 -24.60
CA ARG A 202 10.73 21.00 -25.99
C ARG A 202 11.76 19.90 -26.22
N LYS A 203 11.46 18.97 -27.13
CA LYS A 203 12.41 17.92 -27.52
C LYS A 203 13.71 18.54 -27.99
N LYS A 204 14.85 18.04 -27.50
CA LYS A 204 16.14 18.51 -28.01
C LYS A 204 16.33 18.06 -29.46
N GLY A 205 16.90 18.94 -30.26
CA GLY A 205 17.04 18.72 -31.69
C GLY A 205 16.49 19.88 -32.51
N GLY B 1 -5.99 31.31 18.90
CA GLY B 1 -6.69 30.84 20.08
C GLY B 1 -6.54 29.34 20.23
N GLU B 2 -6.46 28.86 21.48
CA GLU B 2 -6.35 27.43 21.68
C GLU B 2 -7.74 26.83 21.72
N PHE B 3 -8.71 27.60 21.23
CA PHE B 3 -10.09 27.14 21.13
C PHE B 3 -10.26 26.12 20.01
N GLN B 4 -9.46 26.23 18.96
CA GLN B 4 -9.48 25.22 17.90
C GLN B 4 -9.08 23.89 18.49
N ARG B 5 -8.04 23.91 19.32
CA ARG B 5 -7.54 22.68 19.90
C ARG B 5 -8.60 22.09 20.85
N LYS B 6 -9.26 22.95 21.62
CA LYS B 6 -10.32 22.50 22.50
C LYS B 6 -11.47 21.89 21.71
N LEU B 7 -11.84 22.52 20.60
CA LEU B 7 -12.96 22.05 19.79
C LEU B 7 -12.71 20.69 19.15
N TYR B 8 -11.53 20.49 18.57
CA TYR B 8 -11.23 19.23 17.92
C TYR B 8 -11.41 18.07 18.91
N LYS B 9 -10.88 18.22 20.11
CA LYS B 9 -10.93 17.14 21.08
C LYS B 9 -12.37 16.85 21.53
N GLU B 10 -13.22 17.87 21.52
CA GLU B 10 -14.63 17.64 21.83
C GLU B 10 -15.37 16.91 20.69
N LEU B 11 -15.06 17.28 19.45
CA LEU B 11 -15.69 16.69 18.29
C LEU B 11 -15.49 15.18 18.20
N VAL B 12 -14.31 14.69 18.57
CA VAL B 12 -14.01 13.27 18.41
C VAL B 12 -14.39 12.51 19.66
N LYS B 13 -14.62 13.26 20.74
CA LYS B 13 -15.11 12.70 21.99
C LYS B 13 -16.55 12.20 21.87
N ASN B 14 -16.77 11.00 22.41
CA ASN B 14 -18.07 10.33 22.35
C ASN B 14 -18.60 10.22 20.93
N TYR B 15 -17.68 10.09 19.98
CA TYR B 15 -18.07 10.07 18.58
C TYR B 15 -17.53 8.83 17.89
N ASN B 16 -18.38 8.13 17.16
CA ASN B 16 -17.94 6.99 16.37
C ASN B 16 -18.18 7.22 14.88
N PRO B 17 -17.08 7.25 14.10
CA PRO B 17 -17.09 7.54 12.66
C PRO B 17 -17.66 6.39 11.82
N ASP B 18 -17.90 5.24 12.44
CA ASP B 18 -18.52 4.13 11.73
C ASP B 18 -20.05 4.25 11.77
N VAL B 19 -20.55 5.15 12.60
CA VAL B 19 -21.98 5.31 12.80
C VAL B 19 -22.55 6.49 12.06
N ILE B 20 -23.43 6.21 11.10
CA ILE B 20 -24.11 7.25 10.32
C ILE B 20 -24.92 8.12 11.26
N PRO B 21 -24.76 9.44 11.15
CA PRO B 21 -25.34 10.35 12.14
C PRO B 21 -26.85 10.60 11.98
N THR B 22 -27.67 9.55 11.99
CA THR B 22 -29.11 9.77 11.96
C THR B 22 -29.63 10.36 13.26
N GLN B 23 -30.69 11.15 13.12
CA GLN B 23 -31.48 11.67 14.23
C GLN B 23 -32.88 11.10 14.14
N ARG B 24 -33.53 10.92 15.28
CA ARG B 24 -34.99 10.76 15.30
C ARG B 24 -35.59 9.78 14.29
N ASP B 25 -34.84 8.78 13.85
CA ASP B 25 -35.30 7.90 12.77
C ASP B 25 -35.46 8.73 11.47
N ARG B 26 -34.74 9.84 11.38
CA ARG B 26 -34.75 10.65 10.15
C ARG B 26 -33.43 10.42 9.42
N PRO B 27 -33.49 10.23 8.10
CA PRO B 27 -32.25 9.91 7.37
C PRO B 27 -31.30 11.10 7.28
N VAL B 28 -30.03 10.78 7.07
CA VAL B 28 -29.07 11.81 6.76
C VAL B 28 -29.19 12.10 5.27
N THR B 29 -29.52 13.33 4.94
CA THR B 29 -29.57 13.75 3.54
C THR B 29 -28.17 14.05 3.03
N VAL B 30 -27.72 13.33 2.01
CA VAL B 30 -26.42 13.59 1.38
C VAL B 30 -26.54 14.15 -0.04
N TYR B 31 -26.09 15.38 -0.21
CA TYR B 31 -26.12 16.03 -1.51
C TYR B 31 -24.86 15.69 -2.28
N PHE B 32 -25.06 15.23 -3.51
CA PHE B 32 -24.02 14.58 -4.27
C PHE B 32 -23.92 15.18 -5.66
N SER B 33 -22.69 15.25 -6.17
CA SER B 33 -22.45 15.86 -7.46
C SER B 33 -21.10 15.38 -8.04
N LEU B 34 -21.05 15.26 -9.35
CA LEU B 34 -19.86 14.80 -10.05
C LEU B 34 -19.50 15.78 -11.15
N SER B 35 -18.27 16.27 -11.15
CA SER B 35 -17.77 17.12 -12.22
C SER B 35 -16.64 16.41 -12.95
N LEU B 36 -16.86 16.20 -14.24
CA LEU B 36 -15.91 15.48 -15.07
C LEU B 36 -14.74 16.36 -15.47
N LEU B 37 -13.51 15.90 -15.23
CA LEU B 37 -12.34 16.73 -15.54
C LEU B 37 -11.58 16.25 -16.79
N GLN B 38 -11.39 14.95 -16.91
CA GLN B 38 -10.63 14.41 -18.04
C GLN B 38 -11.02 12.95 -18.31
N ILE B 39 -11.12 12.59 -19.58
CA ILE B 39 -11.23 11.19 -19.98
C ILE B 39 -9.83 10.74 -20.40
N MET B 40 -9.17 10.01 -19.50
CA MET B 40 -7.78 9.63 -19.62
C MET B 40 -7.52 8.64 -20.73
N ASP B 41 -8.48 7.75 -20.99
CA ASP B 41 -8.27 6.67 -21.94
C ASP B 41 -9.55 5.90 -22.22
N VAL B 42 -9.64 5.30 -23.41
CA VAL B 42 -10.71 4.35 -23.70
C VAL B 42 -10.09 3.02 -24.12
N ASP B 43 -10.56 1.94 -23.51
CA ASP B 43 -10.11 0.61 -23.87
C ASP B 43 -11.21 -0.07 -24.68
N GLU B 44 -11.02 -0.14 -26.00
CA GLU B 44 -12.09 -0.62 -26.87
C GLU B 44 -12.12 -2.15 -26.95
N LYS B 45 -11.03 -2.79 -26.54
CA LYS B 45 -10.97 -4.25 -26.53
C LYS B 45 -11.62 -4.80 -25.26
N ASN B 46 -11.32 -4.17 -24.12
CA ASN B 46 -11.83 -4.66 -22.84
C ASN B 46 -13.03 -3.87 -22.30
N GLN B 47 -13.41 -2.81 -23.03
CA GLN B 47 -14.61 -2.05 -22.76
C GLN B 47 -14.54 -1.36 -21.41
N VAL B 48 -13.59 -0.44 -21.32
CA VAL B 48 -13.27 0.27 -20.09
C VAL B 48 -13.11 1.73 -20.41
N VAL B 49 -13.58 2.61 -19.54
CA VAL B 49 -13.26 4.03 -19.68
C VAL B 49 -12.57 4.52 -18.41
N ASP B 50 -11.52 5.30 -18.61
CA ASP B 50 -10.64 5.78 -17.54
C ASP B 50 -10.87 7.28 -17.33
N VAL B 51 -11.33 7.68 -16.14
CA VAL B 51 -11.76 9.07 -15.98
C VAL B 51 -11.23 9.72 -14.71
N VAL B 52 -11.06 11.03 -14.77
CA VAL B 52 -10.78 11.80 -13.57
C VAL B 52 -11.96 12.75 -13.36
N PHE B 53 -12.45 12.77 -12.12
CA PHE B 53 -13.59 13.59 -11.80
C PHE B 53 -13.47 14.09 -10.37
N TRP B 54 -14.33 15.05 -10.08
CA TRP B 54 -14.37 15.70 -8.80
C TRP B 54 -15.74 15.41 -8.18
N LEU B 55 -15.78 14.71 -7.04
CA LEU B 55 -17.07 14.53 -6.34
C LEU B 55 -17.34 15.63 -5.31
N GLN B 56 -18.58 16.10 -5.24
CA GLN B 56 -18.99 16.95 -4.14
C GLN B 56 -20.00 16.22 -3.27
N MET B 57 -19.69 16.12 -2.00
CA MET B 57 -20.55 15.45 -1.05
C MET B 57 -20.74 16.40 0.10
N SER B 58 -22.00 16.63 0.48
CA SER B 58 -22.25 17.41 1.67
C SER B 58 -23.46 16.87 2.41
N TRP B 59 -23.45 17.06 3.73
CA TRP B 59 -24.49 16.54 4.60
C TRP B 59 -24.36 17.22 5.94
N THR B 60 -25.34 17.00 6.82
CA THR B 60 -25.25 17.54 8.15
C THR B 60 -25.08 16.45 9.19
N ASP B 61 -24.07 16.64 10.04
CA ASP B 61 -23.74 15.72 11.11
C ASP B 61 -24.06 16.44 12.41
N HIS B 62 -25.18 16.06 13.04
CA HIS B 62 -25.68 16.76 14.21
C HIS B 62 -24.74 16.65 15.41
N TYR B 63 -23.96 15.58 15.45
CA TYR B 63 -22.97 15.36 16.52
C TYR B 63 -21.78 16.32 16.44
N LEU B 64 -21.66 17.04 15.33
CA LEU B 64 -20.43 17.77 15.05
C LEU B 64 -20.59 19.27 15.16
N GLN B 65 -21.72 19.70 15.67
CA GLN B 65 -21.96 21.13 15.78
C GLN B 65 -21.51 21.66 17.13
N TRP B 66 -21.32 22.98 17.21
CA TRP B 66 -20.85 23.58 18.44
C TRP B 66 -21.38 24.99 18.56
N ASN B 67 -21.56 25.44 19.79
CA ASN B 67 -22.00 26.80 20.04
C ASN B 67 -20.79 27.72 19.91
N VAL B 68 -20.85 28.58 18.91
CA VAL B 68 -19.72 29.40 18.51
C VAL B 68 -19.25 30.41 19.58
N SER B 69 -20.15 30.83 20.47
CA SER B 69 -19.75 31.75 21.54
C SER B 69 -18.79 31.09 22.54
N GLU B 70 -18.84 29.76 22.58
CA GLU B 70 -18.05 28.96 23.50
C GLU B 70 -16.66 28.69 22.92
N TYR B 71 -16.57 28.78 21.60
CA TYR B 71 -15.29 28.75 20.90
C TYR B 71 -15.25 29.94 19.94
N PRO B 72 -14.92 31.14 20.47
CA PRO B 72 -15.02 32.45 19.81
C PRO B 72 -14.72 32.45 18.31
N GLY B 73 -13.45 32.61 17.92
CA GLY B 73 -13.11 32.77 16.51
C GLY B 73 -13.19 31.54 15.61
N VAL B 74 -13.84 30.48 16.07
CA VAL B 74 -13.89 29.25 15.31
C VAL B 74 -15.23 29.07 14.60
N LYS B 75 -15.24 29.18 13.28
CA LYS B 75 -16.45 29.07 12.51
C LYS B 75 -16.44 27.78 11.67
N GLN B 76 -15.25 27.32 11.31
CA GLN B 76 -15.13 26.07 10.56
C GLN B 76 -13.83 25.33 10.88
N VAL B 77 -13.87 24.01 10.77
CA VAL B 77 -12.69 23.18 10.98
C VAL B 77 -12.37 22.34 9.75
N SER B 78 -11.09 21.98 9.65
CA SER B 78 -10.62 21.05 8.64
C SER B 78 -10.17 19.76 9.34
N VAL B 79 -10.72 18.64 8.89
CA VAL B 79 -10.71 17.42 9.67
C VAL B 79 -10.45 16.21 8.76
N PRO B 80 -9.54 15.32 9.19
CA PRO B 80 -9.31 14.06 8.47
C PRO B 80 -10.58 13.22 8.44
N ILE B 81 -10.86 12.61 7.29
CA ILE B 81 -12.13 11.92 7.12
C ILE B 81 -12.21 10.66 7.99
N SER B 82 -11.06 10.16 8.44
CA SER B 82 -11.03 8.99 9.33
C SER B 82 -11.56 9.33 10.72
N SER B 83 -11.63 10.62 11.05
CA SER B 83 -12.19 11.02 12.35
C SER B 83 -13.69 11.33 12.29
N LEU B 84 -14.32 11.23 11.12
CA LEU B 84 -15.75 11.45 11.09
C LEU B 84 -16.45 10.50 10.11
N TRP B 85 -17.76 10.36 10.27
CA TRP B 85 -18.51 9.51 9.37
C TRP B 85 -18.60 10.20 8.01
N VAL B 86 -18.37 9.43 6.96
CA VAL B 86 -18.49 9.92 5.61
C VAL B 86 -19.30 8.89 4.85
N PRO B 87 -20.08 9.34 3.85
CA PRO B 87 -20.87 8.43 3.02
C PRO B 87 -20.03 7.32 2.40
N ASP B 88 -20.55 6.09 2.45
CA ASP B 88 -19.89 4.96 1.83
C ASP B 88 -20.38 4.82 0.39
N LEU B 89 -20.26 5.89 -0.39
CA LEU B 89 -20.68 5.84 -1.79
C LEU B 89 -19.73 5.01 -2.63
N ALA B 90 -20.31 4.10 -3.39
CA ALA B 90 -19.53 3.25 -4.28
C ALA B 90 -19.95 3.48 -5.73
N ALA B 91 -18.98 3.37 -6.63
CA ALA B 91 -19.25 3.29 -8.05
C ALA B 91 -19.69 1.88 -8.41
N TYR B 92 -20.97 1.70 -8.75
CA TYR B 92 -21.53 0.35 -8.93
C TYR B 92 -20.89 -0.42 -10.10
N ASN B 93 -20.43 0.30 -11.12
CA ASN B 93 -19.85 -0.39 -12.26
C ASN B 93 -18.35 -0.08 -12.44
N ALA B 94 -17.68 0.26 -11.33
CA ALA B 94 -16.23 0.52 -11.38
C ALA B 94 -15.50 -0.79 -11.63
N ILE B 95 -14.36 -0.75 -12.32
CA ILE B 95 -13.57 -1.99 -12.43
C ILE B 95 -12.19 -1.78 -11.80
N SER B 96 -12.00 -0.62 -11.18
CA SER B 96 -10.81 -0.41 -10.36
C SER B 96 -11.17 0.33 -9.09
N LYS B 97 -10.30 0.19 -8.10
CA LYS B 97 -10.38 0.91 -6.83
C LYS B 97 -10.27 2.41 -7.09
N PRO B 98 -11.06 3.23 -6.38
CA PRO B 98 -10.93 4.68 -6.62
C PRO B 98 -9.58 5.19 -6.14
N GLU B 99 -8.87 5.92 -6.99
CA GLU B 99 -7.62 6.58 -6.57
C GLU B 99 -7.88 8.05 -6.18
N VAL B 100 -7.83 8.35 -4.88
CA VAL B 100 -8.10 9.72 -4.41
C VAL B 100 -6.90 10.64 -4.62
N LEU B 101 -7.08 11.72 -5.36
CA LEU B 101 -5.97 12.57 -5.79
C LEU B 101 -5.70 13.78 -4.88
N THR B 102 -6.57 14.00 -3.89
CA THR B 102 -6.53 15.22 -3.08
C THR B 102 -6.46 14.89 -1.58
N PRO B 103 -6.16 15.90 -0.75
CA PRO B 103 -6.03 15.62 0.69
C PRO B 103 -7.33 15.10 1.27
N GLN B 104 -7.27 14.06 2.09
CA GLN B 104 -8.50 13.43 2.55
C GLN B 104 -9.03 14.13 3.79
N LEU B 105 -9.45 15.37 3.58
CA LEU B 105 -9.95 16.21 4.66
C LEU B 105 -11.36 16.68 4.32
N ALA B 106 -12.12 16.94 5.36
CA ALA B 106 -13.48 17.42 5.19
C ALA B 106 -13.59 18.74 5.93
N LEU B 107 -14.32 19.69 5.35
CA LEU B 107 -14.66 20.92 6.04
C LEU B 107 -15.95 20.76 6.85
N VAL B 108 -15.96 21.27 8.07
CA VAL B 108 -17.13 21.24 8.93
C VAL B 108 -17.37 22.60 9.55
N ASN B 109 -18.57 23.16 9.41
CA ASN B 109 -18.87 24.40 10.11
C ASN B 109 -19.63 24.17 11.42
N SER B 110 -19.90 25.24 12.15
CA SER B 110 -20.41 25.13 13.51
C SER B 110 -21.80 24.51 13.60
N SER B 111 -22.57 24.52 12.52
CA SER B 111 -23.90 23.94 12.60
C SER B 111 -23.84 22.52 12.01
N GLY B 112 -22.64 21.97 11.95
CA GLY B 112 -22.47 20.55 11.70
C GLY B 112 -22.51 20.19 10.23
N HIS B 113 -22.54 21.19 9.36
CA HIS B 113 -22.57 20.90 7.95
C HIS B 113 -21.17 20.54 7.43
N VAL B 114 -21.08 19.43 6.71
CA VAL B 114 -19.81 18.89 6.30
C VAL B 114 -19.63 19.00 4.79
N GLN B 115 -18.41 19.27 4.36
CA GLN B 115 -18.11 19.21 2.94
C GLN B 115 -16.87 18.36 2.67
N TYR B 116 -17.07 17.29 1.91
CA TYR B 116 -16.00 16.40 1.48
C TYR B 116 -16.00 16.38 -0.04
N LEU B 117 -14.86 16.70 -0.63
CA LEU B 117 -14.83 17.00 -2.06
C LEU B 117 -13.64 16.42 -2.78
N PRO B 118 -13.52 15.07 -2.79
CA PRO B 118 -12.34 14.47 -3.41
C PRO B 118 -12.35 14.54 -4.93
N SER B 119 -11.16 14.78 -5.48
CA SER B 119 -10.87 14.52 -6.89
C SER B 119 -10.36 13.06 -6.97
N ILE B 120 -10.78 12.35 -8.00
CA ILE B 120 -10.70 10.89 -8.00
C ILE B 120 -10.42 10.38 -9.40
N ARG B 121 -9.57 9.39 -9.50
CA ARG B 121 -9.34 8.71 -10.75
C ARG B 121 -9.84 7.27 -10.64
N GLN B 122 -10.62 6.83 -11.60
CA GLN B 122 -11.21 5.51 -11.51
C GLN B 122 -11.58 5.03 -12.88
N ARG B 123 -11.52 3.71 -13.08
CA ARG B 123 -11.89 3.11 -14.35
C ARG B 123 -13.25 2.39 -14.24
N PHE B 124 -14.03 2.48 -15.30
CA PHE B 124 -15.41 2.01 -15.29
C PHE B 124 -15.69 1.09 -16.46
N SER B 125 -16.47 0.04 -16.21
CA SER B 125 -17.01 -0.78 -17.28
C SER B 125 -17.87 0.10 -18.18
N CYS B 126 -17.66 0.05 -19.47
CA CYS B 126 -18.42 0.88 -20.40
C CYS B 126 -18.29 0.43 -21.87
N ASP B 127 -19.39 0.46 -22.60
CA ASP B 127 -19.37 0.14 -24.03
C ASP B 127 -18.87 1.36 -24.80
N VAL B 128 -17.61 1.31 -25.17
CA VAL B 128 -16.95 2.46 -25.78
C VAL B 128 -16.91 2.31 -27.31
N SER B 129 -17.77 1.45 -27.85
CA SER B 129 -17.80 1.16 -29.29
C SER B 129 -18.00 2.39 -30.17
N GLY B 130 -18.90 3.27 -29.79
CA GLY B 130 -19.27 4.39 -30.64
C GLY B 130 -18.35 5.60 -30.55
N VAL B 131 -17.23 5.45 -29.84
CA VAL B 131 -16.32 6.57 -29.60
C VAL B 131 -15.82 7.25 -30.90
N ASP B 132 -15.67 6.52 -32.01
CA ASP B 132 -15.27 7.13 -33.27
C ASP B 132 -16.46 7.68 -34.07
N THR B 133 -17.69 7.36 -33.70
CA THR B 133 -18.87 7.82 -34.46
C THR B 133 -19.31 9.22 -34.04
N GLU B 134 -20.20 9.83 -34.82
CA GLU B 134 -20.64 11.19 -34.50
C GLU B 134 -21.55 11.18 -33.28
N SER B 135 -22.33 10.12 -33.13
CA SER B 135 -23.17 9.96 -31.95
C SER B 135 -22.36 9.65 -30.68
N GLY B 136 -21.09 9.28 -30.85
CA GLY B 136 -20.20 9.06 -29.72
C GLY B 136 -20.52 7.86 -28.85
N ALA B 137 -19.82 7.76 -27.72
CA ALA B 137 -20.03 6.67 -26.78
C ALA B 137 -20.68 7.21 -25.52
N THR B 138 -21.45 6.35 -24.87
CA THR B 138 -22.20 6.75 -23.70
C THR B 138 -21.91 5.83 -22.53
N CYS B 139 -21.54 6.44 -21.41
CA CYS B 139 -21.09 5.69 -20.25
C CYS B 139 -21.85 6.13 -19.04
N LYS B 140 -22.43 5.16 -18.34
CA LYS B 140 -23.13 5.44 -17.09
C LYS B 140 -22.19 5.32 -15.92
N LEU B 141 -22.00 6.43 -15.22
CA LEU B 141 -21.26 6.39 -13.98
C LEU B 141 -22.27 6.29 -12.85
N LYS B 142 -22.46 5.07 -12.33
CA LYS B 142 -23.53 4.82 -11.35
C LYS B 142 -23.00 4.73 -9.91
N PHE B 143 -23.52 5.59 -9.05
CA PHE B 143 -23.08 5.67 -7.67
C PHE B 143 -24.23 5.50 -6.70
N GLY B 144 -23.95 4.88 -5.57
CA GLY B 144 -24.91 4.77 -4.48
C GLY B 144 -24.21 4.30 -3.21
N SER B 145 -24.91 4.43 -2.08
CA SER B 145 -24.42 3.89 -0.82
C SER B 145 -24.29 2.39 -0.90
N TRP B 146 -23.20 1.85 -0.36
CA TRP B 146 -23.01 0.42 -0.46
C TRP B 146 -23.84 -0.33 0.57
N THR B 147 -24.11 0.32 1.71
CA THR B 147 -24.72 -0.37 2.84
C THR B 147 -25.87 0.37 3.55
N HIS B 148 -26.14 1.61 3.15
CA HIS B 148 -27.24 2.35 3.76
C HIS B 148 -28.41 2.55 2.80
N HIS B 149 -29.60 2.21 3.27
CA HIS B 149 -30.79 2.37 2.46
C HIS B 149 -31.33 3.80 2.55
N SER B 150 -32.40 4.08 1.78
CA SER B 150 -33.00 5.41 1.67
C SER B 150 -33.41 6.05 3.00
N ARG B 151 -33.76 5.23 3.96
CA ARG B 151 -34.26 5.77 5.22
C ARG B 151 -33.17 6.00 6.25
N GLU B 152 -31.94 5.61 5.91
CA GLU B 152 -30.76 6.00 6.70
C GLU B 152 -30.00 7.10 5.94
N LEU B 153 -29.83 6.88 4.64
CA LEU B 153 -29.04 7.76 3.80
C LEU B 153 -29.87 8.23 2.61
N ASP B 154 -30.33 9.47 2.69
CA ASP B 154 -31.15 10.03 1.64
C ASP B 154 -30.28 10.72 0.62
N LEU B 155 -29.91 9.98 -0.42
CA LEU B 155 -29.01 10.48 -1.45
C LEU B 155 -29.74 11.40 -2.44
N GLN B 156 -29.33 12.66 -2.51
CA GLN B 156 -29.93 13.65 -3.41
C GLN B 156 -28.85 14.24 -4.31
N MET B 157 -29.23 14.65 -5.52
CA MET B 157 -28.24 15.18 -6.42
C MET B 157 -28.36 16.68 -6.65
N GLN B 158 -27.23 17.38 -6.61
CA GLN B 158 -27.15 18.75 -7.10
C GLN B 158 -26.79 18.65 -8.58
N GLU B 159 -26.75 19.77 -9.28
CA GLU B 159 -26.52 19.71 -10.74
C GLU B 159 -25.03 19.62 -11.10
N ALA B 160 -24.74 18.76 -12.09
CA ALA B 160 -23.37 18.45 -12.49
C ALA B 160 -22.71 19.62 -13.21
N ASP B 161 -21.41 19.51 -13.40
CA ASP B 161 -20.64 20.63 -13.91
C ASP B 161 -19.63 20.17 -14.96
N ILE B 162 -19.86 20.52 -16.22
CA ILE B 162 -18.91 20.18 -17.28
C ILE B 162 -17.95 21.32 -17.57
N SER B 163 -18.08 22.42 -16.82
CA SER B 163 -17.21 23.57 -17.03
C SER B 163 -15.77 23.26 -16.65
N GLY B 164 -15.56 22.14 -15.94
CA GLY B 164 -14.22 21.76 -15.55
C GLY B 164 -13.51 20.86 -16.53
N TYR B 165 -14.19 20.44 -17.59
CA TYR B 165 -13.57 19.51 -18.53
C TYR B 165 -12.42 20.20 -19.29
N ILE B 166 -11.27 19.55 -19.33
CA ILE B 166 -10.12 20.13 -20.01
C ILE B 166 -10.40 20.26 -21.50
N PRO B 167 -10.05 21.40 -22.06
CA PRO B 167 -10.35 21.74 -23.45
C PRO B 167 -9.39 21.10 -24.46
N TYR B 168 -8.26 20.57 -24.00
CA TYR B 168 -7.25 20.07 -24.94
C TYR B 168 -7.22 18.54 -25.02
N SER B 169 -8.17 17.87 -24.39
CA SER B 169 -8.29 16.42 -24.50
C SER B 169 -8.52 15.96 -25.94
N ARG B 170 -8.20 14.70 -26.25
CA ARG B 170 -8.47 14.17 -27.59
C ARG B 170 -9.96 13.77 -27.70
N PHE B 171 -10.67 13.74 -26.57
CA PHE B 171 -12.11 13.49 -26.56
C PHE B 171 -12.91 14.73 -26.29
N GLU B 172 -13.90 15.02 -27.14
CA GLU B 172 -14.80 16.12 -26.82
C GLU B 172 -15.94 15.61 -25.96
N LEU B 173 -16.20 16.33 -24.89
CA LEU B 173 -17.29 16.00 -24.00
C LEU B 173 -18.58 16.57 -24.60
N VAL B 174 -19.37 15.69 -25.23
CA VAL B 174 -20.63 16.10 -25.85
C VAL B 174 -21.65 16.54 -24.83
N GLY B 175 -21.82 15.75 -23.77
CA GLY B 175 -22.70 16.11 -22.68
C GLY B 175 -22.61 15.19 -21.48
N VAL B 176 -23.01 15.71 -20.33
CA VAL B 176 -23.22 14.89 -19.14
C VAL B 176 -24.64 15.09 -18.63
N THR B 177 -25.39 14.01 -18.49
CA THR B 177 -26.70 14.08 -17.85
C THR B 177 -26.71 13.26 -16.58
N GLN B 178 -27.59 13.64 -15.65
CA GLN B 178 -27.69 12.97 -14.37
C GLN B 178 -29.12 12.58 -14.05
N LYS B 179 -29.27 11.51 -13.26
CA LYS B 179 -30.58 10.98 -12.90
C LYS B 179 -30.52 10.26 -11.56
N ARG B 180 -31.50 10.54 -10.73
CA ARG B 180 -31.61 9.89 -9.44
C ARG B 180 -32.68 8.81 -9.53
N SER B 181 -32.31 7.60 -9.14
CA SER B 181 -33.25 6.49 -9.14
C SER B 181 -33.36 5.87 -7.76
N GLU B 182 -34.47 5.16 -7.52
CA GLU B 182 -34.64 4.42 -6.29
C GLU B 182 -35.39 3.12 -6.55
N ARG B 183 -34.86 2.03 -6.00
CA ARG B 183 -35.39 0.69 -6.26
C ARG B 183 -35.32 -0.22 -5.04
N PHE B 184 -36.31 -1.10 -4.92
CA PHE B 184 -36.21 -2.22 -4.01
C PHE B 184 -35.32 -3.30 -4.62
N TYR B 185 -34.59 -4.00 -3.77
CA TYR B 185 -33.91 -5.21 -4.20
C TYR B 185 -34.55 -6.35 -3.43
N GLU B 186 -34.64 -7.51 -4.08
CA GLU B 186 -35.30 -8.68 -3.50
C GLU B 186 -34.53 -9.13 -2.26
N CYS B 187 -33.24 -8.84 -2.29
CA CYS B 187 -32.32 -9.08 -1.18
C CYS B 187 -32.71 -8.49 0.16
N CYS B 188 -33.14 -7.22 0.13
CA CYS B 188 -33.28 -6.43 1.34
C CYS B 188 -34.67 -5.80 1.48
N LYS B 189 -35.00 -5.43 2.70
CA LYS B 189 -36.34 -4.96 3.05
C LYS B 189 -36.56 -3.50 2.67
N GLU B 190 -35.49 -2.70 2.73
CA GLU B 190 -35.61 -1.28 2.45
C GLU B 190 -35.09 -0.96 1.05
N PRO B 191 -35.53 0.17 0.46
CA PRO B 191 -35.07 0.55 -0.88
C PRO B 191 -33.76 1.33 -0.86
N TYR B 192 -33.06 1.37 -1.99
CA TYR B 192 -31.78 2.07 -2.11
C TYR B 192 -31.83 3.09 -3.23
N PRO B 193 -31.32 4.30 -2.97
CA PRO B 193 -31.26 5.30 -4.04
C PRO B 193 -29.90 5.24 -4.75
N ASP B 194 -29.87 5.66 -6.01
CA ASP B 194 -28.61 5.80 -6.70
C ASP B 194 -28.68 7.05 -7.58
N VAL B 195 -27.50 7.60 -7.86
CA VAL B 195 -27.36 8.71 -8.78
C VAL B 195 -26.45 8.27 -9.91
N THR B 196 -26.94 8.43 -11.12
CA THR B 196 -26.19 8.01 -12.29
C THR B 196 -25.82 9.20 -13.18
N PHE B 197 -24.55 9.30 -13.52
CA PHE B 197 -24.08 10.36 -14.40
C PHE B 197 -23.79 9.77 -15.75
N THR B 198 -24.56 10.20 -16.75
CA THR B 198 -24.40 9.68 -18.08
C THR B 198 -23.54 10.62 -18.92
N VAL B 199 -22.41 10.09 -19.36
CA VAL B 199 -21.40 10.84 -20.06
C VAL B 199 -21.38 10.42 -21.52
N THR B 200 -21.57 11.38 -22.41
CA THR B 200 -21.44 11.13 -23.85
C THR B 200 -20.22 11.89 -24.38
N PHE B 201 -19.45 11.23 -25.24
CA PHE B 201 -18.17 11.78 -25.67
C PHE B 201 -17.69 11.09 -26.94
N ARG B 202 -16.89 11.79 -27.73
CA ARG B 202 -16.34 11.22 -28.95
C ARG B 202 -14.92 11.71 -29.20
N LYS B 203 -14.24 11.05 -30.13
CA LYS B 203 -12.92 11.50 -30.55
C LYS B 203 -13.01 12.65 -31.54
N LYS B 204 -12.36 13.75 -31.21
CA LYS B 204 -12.14 14.83 -32.16
C LYS B 204 -11.55 14.29 -33.47
N GLY B 205 -12.31 14.42 -34.56
CA GLY B 205 -11.89 13.90 -35.84
C GLY B 205 -12.53 12.56 -36.18
N GLY C 1 -27.34 8.02 15.06
CA GLY C 1 -28.21 7.78 16.20
C GLY C 1 -27.48 7.34 17.47
N GLU C 2 -27.99 7.80 18.60
CA GLU C 2 -27.36 7.50 19.89
C GLU C 2 -27.52 6.05 20.31
N PHE C 3 -28.63 5.44 19.91
CA PHE C 3 -28.82 4.02 20.14
C PHE C 3 -27.78 3.21 19.35
N GLN C 4 -27.55 3.60 18.11
CA GLN C 4 -26.56 2.92 17.26
C GLN C 4 -25.17 3.05 17.89
N ARG C 5 -24.81 4.26 18.29
CA ARG C 5 -23.47 4.53 18.82
C ARG C 5 -23.20 3.61 20.00
N LYS C 6 -24.15 3.50 20.91
CA LYS C 6 -23.94 2.64 22.07
C LYS C 6 -24.09 1.15 21.77
N LEU C 7 -24.88 0.82 20.76
CA LEU C 7 -24.88 -0.56 20.23
C LEU C 7 -23.51 -0.96 19.66
N TYR C 8 -22.94 -0.11 18.81
CA TYR C 8 -21.62 -0.39 18.23
C TYR C 8 -20.59 -0.64 19.32
N LYS C 9 -20.67 0.18 20.36
CA LYS C 9 -19.76 0.08 21.48
C LYS C 9 -19.88 -1.30 22.12
N GLU C 10 -21.08 -1.85 22.14
CA GLU C 10 -21.34 -3.12 22.80
C GLU C 10 -20.92 -4.32 21.94
N LEU C 11 -21.14 -4.21 20.64
CA LEU C 11 -20.78 -5.30 19.74
C LEU C 11 -19.27 -5.57 19.75
N VAL C 12 -18.47 -4.51 19.76
CA VAL C 12 -17.03 -4.71 19.72
C VAL C 12 -16.45 -4.97 21.11
N LYS C 13 -17.26 -4.80 22.15
CA LYS C 13 -16.79 -5.07 23.50
C LYS C 13 -16.52 -6.55 23.71
N ASN C 14 -15.32 -6.87 24.21
CA ASN C 14 -14.88 -8.25 24.43
C ASN C 14 -14.87 -9.10 23.16
N TYR C 15 -14.94 -8.45 22.01
CA TYR C 15 -15.06 -9.15 20.74
C TYR C 15 -13.71 -9.27 20.06
N ASN C 16 -13.36 -10.48 19.66
CA ASN C 16 -12.09 -10.74 19.00
C ASN C 16 -12.27 -11.23 17.57
N PRO C 17 -11.95 -10.39 16.59
CA PRO C 17 -12.31 -10.71 15.19
C PRO C 17 -11.53 -11.92 14.66
N ASP C 18 -10.50 -12.35 15.38
CA ASP C 18 -9.72 -13.50 14.95
C ASP C 18 -10.43 -14.82 15.27
N VAL C 19 -11.48 -14.77 16.11
CA VAL C 19 -12.10 -15.99 16.58
C VAL C 19 -13.34 -16.35 15.77
N ILE C 20 -13.29 -17.49 15.10
CA ILE C 20 -14.46 -17.97 14.38
C ILE C 20 -15.56 -18.17 15.42
N PRO C 21 -16.75 -17.61 15.15
CA PRO C 21 -17.80 -17.65 16.18
C PRO C 21 -18.49 -19.00 16.21
N THR C 22 -17.72 -20.08 16.27
CA THR C 22 -18.31 -21.37 16.53
C THR C 22 -18.94 -21.30 17.89
N GLN C 23 -20.11 -21.91 18.04
CA GLN C 23 -20.73 -22.02 19.33
C GLN C 23 -20.57 -23.46 19.63
N ARG C 24 -21.17 -23.99 20.67
CA ARG C 24 -21.79 -25.29 20.41
C ARG C 24 -20.82 -26.44 19.98
N ASP C 25 -19.83 -26.13 19.14
CA ASP C 25 -18.81 -27.06 18.56
C ASP C 25 -19.34 -27.69 17.25
N ARG C 26 -20.37 -27.08 16.66
CA ARG C 26 -20.65 -27.21 15.21
C ARG C 26 -20.07 -26.04 14.44
N PRO C 27 -19.91 -26.23 13.12
CA PRO C 27 -19.43 -25.13 12.32
C PRO C 27 -20.28 -23.86 12.31
N VAL C 28 -19.64 -22.79 11.88
CA VAL C 28 -20.32 -21.64 11.36
C VAL C 28 -20.68 -22.00 9.95
N THR C 29 -21.97 -21.96 9.61
CA THR C 29 -22.35 -22.17 8.22
C THR C 29 -22.13 -20.87 7.45
N VAL C 30 -21.38 -20.97 6.37
CA VAL C 30 -21.09 -19.82 5.53
C VAL C 30 -21.66 -19.99 4.12
N TYR C 31 -22.66 -19.17 3.79
CA TYR C 31 -23.31 -19.22 2.49
C TYR C 31 -22.53 -18.38 1.49
N PHE C 32 -22.33 -18.95 0.30
CA PHE C 32 -21.34 -18.41 -0.60
C PHE C 32 -21.79 -18.47 -2.07
N SER C 33 -21.72 -17.34 -2.75
CA SER C 33 -22.11 -17.27 -4.14
C SER C 33 -21.25 -16.28 -4.91
N LEU C 34 -21.19 -16.45 -6.23
CA LEU C 34 -20.35 -15.60 -7.08
C LEU C 34 -21.16 -15.13 -8.29
N SER C 35 -21.07 -13.84 -8.62
CA SER C 35 -21.74 -13.30 -9.80
C SER C 35 -20.72 -12.68 -10.74
N LEU C 36 -20.54 -13.31 -11.89
CA LEU C 36 -19.61 -12.83 -12.87
C LEU C 36 -20.16 -11.57 -13.54
N LEU C 37 -19.40 -10.49 -13.46
CA LEU C 37 -19.80 -9.23 -14.07
C LEU C 37 -19.07 -8.98 -15.40
N GLN C 38 -17.76 -9.27 -15.45
CA GLN C 38 -16.98 -8.98 -16.65
C GLN C 38 -15.69 -9.80 -16.73
N ILE C 39 -15.46 -10.44 -17.87
CA ILE C 39 -14.17 -11.00 -18.20
C ILE C 39 -13.37 -9.87 -18.80
N MET C 40 -12.29 -9.48 -18.12
CA MET C 40 -11.47 -8.35 -18.52
C MET C 40 -10.44 -8.68 -19.58
N ASP C 41 -9.88 -9.88 -19.51
CA ASP C 41 -8.79 -10.24 -20.39
C ASP C 41 -8.47 -11.72 -20.35
N VAL C 42 -7.94 -12.22 -21.44
CA VAL C 42 -7.33 -13.54 -21.44
C VAL C 42 -5.87 -13.42 -21.88
N ASP C 43 -5.01 -14.22 -21.27
CA ASP C 43 -3.62 -14.25 -21.64
C ASP C 43 -3.32 -15.63 -22.17
N GLU C 44 -3.50 -15.80 -23.48
CA GLU C 44 -3.34 -17.11 -24.09
C GLU C 44 -1.90 -17.61 -23.99
N LYS C 45 -0.95 -16.70 -23.79
CA LYS C 45 0.45 -17.10 -23.68
C LYS C 45 0.72 -17.64 -22.28
N ASN C 46 0.32 -16.87 -21.27
CA ASN C 46 0.58 -17.24 -19.88
C ASN C 46 -0.58 -17.98 -19.22
N GLN C 47 -1.68 -18.19 -19.94
CA GLN C 47 -2.81 -18.96 -19.43
C GLN C 47 -3.41 -18.40 -18.15
N VAL C 48 -4.04 -17.21 -18.24
CA VAL C 48 -4.53 -16.51 -17.06
C VAL C 48 -6.02 -16.14 -17.13
N ASP C 50 -8.33 -13.13 -16.13
CA ASP C 50 -8.67 -11.85 -15.46
C ASP C 50 -10.18 -11.53 -15.39
N VAL C 51 -10.76 -11.51 -14.19
CA VAL C 51 -12.21 -11.28 -14.06
C VAL C 51 -12.64 -10.33 -12.94
N VAL C 52 -13.84 -9.79 -13.11
CA VAL C 52 -14.47 -8.92 -12.13
C VAL C 52 -15.77 -9.59 -11.69
N PHE C 53 -15.89 -9.83 -10.39
CA PHE C 53 -17.03 -10.60 -9.90
C PHE C 53 -17.48 -10.06 -8.58
N TRP C 54 -18.72 -10.37 -8.25
CA TRP C 54 -19.36 -9.91 -7.04
C TRP C 54 -19.49 -11.16 -6.16
N LEU C 55 -18.84 -11.15 -5.01
CA LEU C 55 -18.95 -12.28 -4.10
C LEU C 55 -20.06 -12.04 -3.12
N GLN C 56 -20.83 -13.07 -2.83
CA GLN C 56 -21.76 -12.94 -1.74
C GLN C 56 -21.51 -13.95 -0.63
N MET C 57 -21.36 -13.40 0.58
CA MET C 57 -21.06 -14.20 1.76
C MET C 57 -22.01 -13.84 2.91
N SER C 58 -22.45 -14.85 3.64
CA SER C 58 -23.37 -14.63 4.73
C SER C 58 -23.25 -15.73 5.77
N TRP C 59 -23.32 -15.34 7.04
CA TRP C 59 -23.20 -16.30 8.14
C TRP C 59 -23.78 -15.66 9.38
N THR C 60 -23.95 -16.46 10.43
CA THR C 60 -24.45 -15.94 11.68
C THR C 60 -23.33 -15.90 12.69
N ASP C 61 -23.18 -14.74 13.30
CA ASP C 61 -22.22 -14.56 14.39
C ASP C 61 -23.04 -14.37 15.64
N HIS C 62 -23.14 -15.43 16.45
CA HIS C 62 -23.99 -15.41 17.63
C HIS C 62 -23.57 -14.34 18.64
N TYR C 63 -22.30 -13.89 18.54
CA TYR C 63 -21.78 -12.85 19.43
C TYR C 63 -22.28 -11.45 19.09
N LEU C 64 -22.88 -11.32 17.91
CA LEU C 64 -23.29 -10.03 17.39
C LEU C 64 -24.81 -9.79 17.46
N GLN C 65 -25.51 -10.56 18.29
CA GLN C 65 -26.94 -10.36 18.46
C GLN C 65 -27.24 -9.23 19.44
N TRP C 66 -28.34 -8.53 19.24
CA TRP C 66 -28.82 -7.61 20.27
C TRP C 66 -30.32 -7.73 20.38
N ASN C 67 -30.88 -7.24 21.48
CA ASN C 67 -32.33 -7.17 21.55
C ASN C 67 -32.82 -5.82 21.11
N VAL C 68 -33.66 -5.83 20.08
CA VAL C 68 -34.13 -4.61 19.44
C VAL C 68 -34.95 -3.79 20.44
N SER C 69 -35.48 -4.46 21.46
CA SER C 69 -36.17 -3.77 22.52
C SER C 69 -35.21 -2.85 23.28
N GLU C 70 -33.98 -3.31 23.45
CA GLU C 70 -32.96 -2.50 24.10
C GLU C 70 -32.42 -1.40 23.16
N TYR C 71 -32.54 -1.61 21.85
CA TYR C 71 -32.10 -0.63 20.85
C TYR C 71 -33.20 -0.33 19.84
N PRO C 72 -34.24 0.41 20.27
CA PRO C 72 -35.54 0.59 19.61
C PRO C 72 -35.50 0.70 18.07
N GLY C 73 -34.85 1.71 17.51
CA GLY C 73 -34.84 1.83 16.07
C GLY C 73 -33.97 0.82 15.32
N VAL C 74 -32.96 0.28 15.98
CA VAL C 74 -31.88 -0.41 15.29
C VAL C 74 -32.17 -1.86 14.90
N LYS C 75 -32.39 -2.12 13.61
CA LYS C 75 -32.62 -3.47 13.14
C LYS C 75 -31.41 -4.07 12.42
N GLN C 76 -30.59 -3.20 11.83
CA GLN C 76 -29.33 -3.62 11.24
C GLN C 76 -28.31 -2.49 11.34
N VAL C 77 -27.03 -2.85 11.42
CA VAL C 77 -25.95 -1.86 11.38
C VAL C 77 -24.90 -2.18 10.33
N SER C 78 -24.16 -1.16 9.93
CA SER C 78 -23.12 -1.28 8.93
C SER C 78 -21.74 -1.10 9.60
N VAL C 79 -20.97 -2.17 9.66
CA VAL C 79 -19.69 -2.14 10.39
C VAL C 79 -18.54 -2.46 9.46
N PRO C 80 -17.36 -1.83 9.71
CA PRO C 80 -16.13 -2.19 8.99
C PRO C 80 -15.78 -3.64 9.28
N ILE C 81 -15.43 -4.39 8.26
CA ILE C 81 -15.11 -5.80 8.47
C ILE C 81 -13.87 -6.03 9.34
N SER C 82 -13.10 -4.98 9.59
CA SER C 82 -12.02 -5.05 10.58
C SER C 82 -12.58 -5.55 11.89
N SER C 83 -13.66 -4.91 12.29
CA SER C 83 -14.28 -5.05 13.60
C SER C 83 -14.92 -6.41 13.87
N LEU C 84 -15.08 -7.24 12.85
CA LEU C 84 -15.68 -8.57 13.08
C LEU C 84 -14.95 -9.70 12.36
N TRP C 85 -15.29 -10.93 12.75
CA TRP C 85 -14.77 -12.10 12.06
C TRP C 85 -15.36 -12.23 10.66
N VAL C 86 -14.51 -12.61 9.71
CA VAL C 86 -14.93 -12.91 8.34
C VAL C 86 -14.26 -14.20 7.90
N PRO C 87 -14.96 -15.00 7.08
CA PRO C 87 -14.39 -16.22 6.47
C PRO C 87 -13.02 -15.96 5.83
N ASP C 88 -12.03 -16.80 6.13
CA ASP C 88 -10.73 -16.70 5.47
C ASP C 88 -10.76 -17.44 4.12
N LEU C 89 -11.64 -17.00 3.21
CA LEU C 89 -11.80 -17.75 1.97
C LEU C 89 -10.72 -17.39 1.00
N ALA C 90 -10.06 -18.41 0.47
CA ALA C 90 -8.97 -18.19 -0.44
C ALA C 90 -9.38 -18.62 -1.84
N ALA C 91 -8.82 -17.95 -2.83
CA ALA C 91 -8.98 -18.36 -4.22
C ALA C 91 -7.81 -19.29 -4.57
N TYR C 92 -8.08 -20.59 -4.65
CA TYR C 92 -7.05 -21.61 -4.72
C TYR C 92 -6.12 -21.45 -5.93
N ASN C 93 -6.65 -20.93 -7.03
CA ASN C 93 -5.84 -20.80 -8.24
C ASN C 93 -5.66 -19.35 -8.72
N ALA C 94 -5.78 -18.40 -7.81
CA ALA C 94 -5.47 -17.02 -8.15
C ALA C 94 -3.96 -16.89 -8.36
N ILE C 95 -3.57 -16.03 -9.30
CA ILE C 95 -2.15 -15.74 -9.49
C ILE C 95 -1.86 -14.29 -9.17
N SER C 96 -2.88 -13.58 -8.67
CA SER C 96 -2.73 -12.20 -8.21
C SER C 96 -3.57 -11.96 -6.95
N LYS C 97 -3.18 -10.98 -6.16
CA LYS C 97 -3.97 -10.52 -5.02
C LYS C 97 -5.33 -9.97 -5.49
N PRO C 98 -6.37 -10.17 -4.68
CA PRO C 98 -7.67 -9.62 -5.08
C PRO C 98 -7.73 -8.12 -4.87
N GLU C 99 -8.18 -7.39 -5.88
CA GLU C 99 -8.42 -5.96 -5.74
C GLU C 99 -9.89 -5.75 -5.37
N VAL C 100 -10.15 -5.38 -4.11
CA VAL C 100 -11.51 -5.13 -3.65
C VAL C 100 -12.04 -3.74 -4.02
N LEU C 101 -13.11 -3.73 -4.81
CA LEU C 101 -13.56 -2.51 -5.47
C LEU C 101 -14.51 -1.65 -4.64
N THR C 102 -15.17 -2.28 -3.68
CA THR C 102 -16.26 -1.68 -2.95
C THR C 102 -15.84 -1.36 -1.51
N PRO C 103 -16.61 -0.50 -0.81
CA PRO C 103 -16.32 -0.26 0.61
C PRO C 103 -16.29 -1.58 1.45
N GLN C 104 -15.30 -1.68 2.33
CA GLN C 104 -15.12 -2.89 3.14
C GLN C 104 -16.03 -2.92 4.34
N LEU C 105 -17.34 -3.00 4.10
CA LEU C 105 -18.31 -2.96 5.18
C LEU C 105 -19.20 -4.15 5.09
N ALA C 106 -19.61 -4.66 6.25
CA ALA C 106 -20.61 -5.71 6.31
C ALA C 106 -21.87 -5.16 6.92
N LEU C 107 -23.00 -5.80 6.60
CA LEU C 107 -24.28 -5.58 7.27
C LEU C 107 -24.56 -6.66 8.30
N VAL C 108 -24.98 -6.25 9.49
CA VAL C 108 -25.32 -7.19 10.54
C VAL C 108 -26.72 -6.86 11.05
N ASN C 109 -27.56 -7.87 11.21
CA ASN C 109 -28.90 -7.63 11.75
C ASN C 109 -28.91 -8.10 13.20
N SER C 110 -30.05 -7.99 13.86
CA SER C 110 -30.09 -8.15 15.31
C SER C 110 -29.98 -9.60 15.74
N SER C 111 -30.17 -10.53 14.81
CA SER C 111 -29.96 -11.94 15.08
C SER C 111 -28.48 -12.30 14.93
N GLY C 112 -27.68 -11.35 14.47
CA GLY C 112 -26.25 -11.57 14.30
C GLY C 112 -25.98 -12.16 12.93
N HIS C 113 -26.88 -11.91 11.99
CA HIS C 113 -26.64 -12.42 10.66
C HIS C 113 -25.87 -11.38 9.85
N VAL C 114 -24.73 -11.80 9.30
CA VAL C 114 -23.81 -10.91 8.62
C VAL C 114 -23.85 -11.12 7.10
N GLN C 115 -23.85 -10.00 6.36
CA GLN C 115 -23.76 -10.01 4.90
C GLN C 115 -22.53 -9.24 4.47
N TYR C 116 -21.68 -9.84 3.66
CA TYR C 116 -20.50 -9.14 3.17
C TYR C 116 -20.46 -9.42 1.68
N LEU C 117 -20.54 -8.36 0.88
CA LEU C 117 -20.72 -8.52 -0.56
C LEU C 117 -19.69 -7.72 -1.35
N PRO C 118 -18.41 -8.06 -1.22
CA PRO C 118 -17.36 -7.32 -1.93
C PRO C 118 -17.40 -7.54 -3.44
N SER C 119 -17.18 -6.49 -4.21
CA SER C 119 -16.95 -6.62 -5.64
C SER C 119 -15.43 -6.70 -5.85
N ILE C 120 -14.98 -7.63 -6.70
CA ILE C 120 -13.57 -7.98 -6.73
C ILE C 120 -13.02 -8.18 -8.15
N ARG C 121 -11.82 -7.66 -8.38
CA ARG C 121 -11.07 -7.96 -9.60
C ARG C 121 -9.84 -8.77 -9.24
N GLN C 122 -9.63 -9.88 -9.96
CA GLN C 122 -8.56 -10.80 -9.61
C GLN C 122 -8.19 -11.66 -10.80
N ARG C 123 -6.91 -12.00 -10.90
CA ARG C 123 -6.49 -12.87 -11.97
C ARG C 123 -6.32 -14.32 -11.55
N PHE C 124 -6.70 -15.23 -12.45
CA PHE C 124 -6.72 -16.65 -12.16
C PHE C 124 -5.96 -17.44 -13.20
N SER C 125 -5.34 -18.53 -12.75
CA SER C 125 -4.72 -19.49 -13.66
C SER C 125 -5.83 -20.21 -14.41
N CYS C 126 -5.65 -20.38 -15.72
CA CYS C 126 -6.66 -21.03 -16.52
C CYS C 126 -6.16 -21.42 -17.90
N ASP C 127 -6.62 -22.56 -18.42
CA ASP C 127 -6.37 -22.88 -19.83
C ASP C 127 -7.38 -22.16 -20.72
N VAL C 128 -6.95 -21.05 -21.33
CA VAL C 128 -7.81 -20.22 -22.15
C VAL C 128 -7.62 -20.52 -23.63
N SER C 129 -6.96 -21.65 -23.92
CA SER C 129 -6.53 -21.93 -25.29
C SER C 129 -7.66 -22.13 -26.27
N GLY C 130 -8.83 -22.54 -25.76
CA GLY C 130 -9.96 -22.80 -26.62
C GLY C 130 -10.90 -21.61 -26.78
N VAL C 131 -10.42 -20.43 -26.39
CA VAL C 131 -11.29 -19.27 -26.25
C VAL C 131 -11.95 -18.82 -27.56
N ASP C 132 -11.26 -18.96 -28.68
CA ASP C 132 -11.85 -18.54 -29.96
C ASP C 132 -12.77 -19.66 -30.48
N THR C 133 -12.41 -20.91 -30.21
CA THR C 133 -13.20 -22.07 -30.65
C THR C 133 -14.66 -22.01 -30.23
N GLU C 134 -15.51 -22.76 -30.92
CA GLU C 134 -16.94 -22.74 -30.66
C GLU C 134 -17.31 -23.40 -29.35
N SER C 135 -16.41 -24.23 -28.82
CA SER C 135 -16.62 -24.85 -27.52
C SER C 135 -16.11 -23.94 -26.39
N GLY C 136 -15.37 -22.90 -26.77
CA GLY C 136 -14.95 -21.87 -25.84
C GLY C 136 -13.86 -22.33 -24.89
N ALA C 137 -13.49 -21.47 -23.95
CA ALA C 137 -12.58 -21.84 -22.86
C ALA C 137 -13.36 -22.07 -21.57
N THR C 138 -12.90 -23.03 -20.77
CA THR C 138 -13.54 -23.33 -19.50
C THR C 138 -12.58 -23.01 -18.36
N CYS C 139 -13.00 -22.14 -17.46
CA CYS C 139 -12.16 -21.74 -16.33
C CYS C 139 -12.83 -22.08 -15.03
N LYS C 140 -12.02 -22.49 -14.06
CA LYS C 140 -12.52 -22.83 -12.75
C LYS C 140 -12.07 -21.80 -11.73
N LEU C 141 -13.02 -21.32 -10.93
CA LEU C 141 -12.71 -20.40 -9.85
C LEU C 141 -12.97 -21.12 -8.53
N LYS C 142 -11.89 -21.60 -7.91
CA LYS C 142 -11.97 -22.46 -6.74
C LYS C 142 -11.77 -21.66 -5.45
N PHE C 143 -12.78 -21.67 -4.58
CA PHE C 143 -12.70 -20.94 -3.31
C PHE C 143 -12.92 -21.86 -2.11
N GLY C 144 -12.24 -21.57 -1.00
CA GLY C 144 -12.46 -22.31 0.23
C GLY C 144 -11.69 -21.72 1.40
N SER C 145 -12.06 -22.14 2.61
CA SER C 145 -11.37 -21.71 3.81
C SER C 145 -9.93 -22.20 3.84
N TRP C 146 -9.02 -21.32 4.24
CA TRP C 146 -7.61 -21.64 4.20
C TRP C 146 -7.19 -22.32 5.47
N THR C 147 -7.81 -21.96 6.59
CA THR C 147 -7.45 -22.54 7.88
C THR C 147 -8.58 -23.24 8.66
N HIS C 148 -9.81 -23.28 8.16
CA HIS C 148 -10.84 -24.00 8.91
C HIS C 148 -11.43 -25.15 8.14
N HIS C 149 -11.38 -26.32 8.77
CA HIS C 149 -11.90 -27.53 8.17
C HIS C 149 -13.42 -27.54 8.29
N SER C 150 -14.06 -28.51 7.65
CA SER C 150 -15.51 -28.49 7.47
C SER C 150 -16.33 -28.61 8.77
N ARG C 151 -15.70 -28.94 9.90
CA ARG C 151 -16.47 -28.95 11.13
C ARG C 151 -16.23 -27.71 12.00
N GLU C 152 -15.44 -26.78 11.48
CA GLU C 152 -15.38 -25.42 12.03
C GLU C 152 -16.12 -24.45 11.12
N LEU C 153 -15.94 -24.61 9.81
CA LEU C 153 -16.56 -23.72 8.83
C LEU C 153 -17.28 -24.52 7.74
N ASP C 154 -18.60 -24.48 7.77
CA ASP C 154 -19.44 -25.22 6.84
C ASP C 154 -19.79 -24.37 5.61
N LEU C 155 -18.94 -24.47 4.59
CA LEU C 155 -19.12 -23.71 3.35
C LEU C 155 -20.27 -24.29 2.50
N GLN C 156 -21.29 -23.49 2.30
CA GLN C 156 -22.46 -23.89 1.53
C GLN C 156 -22.68 -22.92 0.40
N MET C 157 -23.06 -23.44 -0.77
CA MET C 157 -23.22 -22.56 -1.92
C MET C 157 -24.68 -22.22 -2.18
N GLN C 158 -24.91 -20.98 -2.60
CA GLN C 158 -26.22 -20.53 -3.07
C GLN C 158 -26.19 -20.45 -4.61
N GLU C 159 -27.35 -20.25 -5.22
CA GLU C 159 -27.45 -20.20 -6.69
C GLU C 159 -26.69 -19.02 -7.28
N ALA C 160 -26.03 -19.27 -8.40
CA ALA C 160 -25.20 -18.25 -9.06
C ALA C 160 -26.04 -17.28 -9.87
N ASP C 161 -25.50 -16.09 -10.05
CA ASP C 161 -26.19 -15.02 -10.73
C ASP C 161 -25.36 -14.58 -11.95
N ILE C 162 -25.77 -15.02 -13.14
CA ILE C 162 -25.09 -14.56 -14.35
C ILE C 162 -25.86 -13.43 -15.01
N SER C 163 -26.93 -12.97 -14.35
CA SER C 163 -27.72 -11.86 -14.88
C SER C 163 -26.92 -10.56 -14.93
N GLY C 164 -25.88 -10.46 -14.11
CA GLY C 164 -25.05 -9.28 -14.07
C GLY C 164 -23.93 -9.20 -15.10
N TYR C 165 -23.77 -10.24 -15.92
CA TYR C 165 -22.69 -10.23 -16.90
C TYR C 165 -22.96 -9.18 -17.99
N ILE C 166 -21.99 -8.31 -18.25
CA ILE C 166 -22.20 -7.22 -19.19
C ILE C 166 -22.35 -7.71 -20.63
N PRO C 167 -23.39 -7.20 -21.31
CA PRO C 167 -23.78 -7.68 -22.65
C PRO C 167 -22.85 -7.18 -23.76
N TYR C 168 -22.07 -6.14 -23.51
CA TYR C 168 -21.24 -5.56 -24.58
C TYR C 168 -19.79 -6.05 -24.50
N SER C 169 -19.55 -7.09 -23.72
CA SER C 169 -18.24 -7.74 -23.67
C SER C 169 -17.82 -8.34 -25.02
N ARG C 170 -16.52 -8.54 -25.22
CA ARG C 170 -16.04 -9.20 -26.43
C ARG C 170 -16.11 -10.70 -26.27
N PHE C 171 -16.44 -11.13 -25.04
CA PHE C 171 -16.62 -12.54 -24.73
C PHE C 171 -18.08 -12.85 -24.42
N GLU C 172 -18.57 -13.93 -25.03
CA GLU C 172 -19.91 -14.40 -24.72
C GLU C 172 -19.85 -15.48 -23.62
N LEU C 173 -20.65 -15.29 -22.58
CA LEU C 173 -20.74 -16.22 -21.48
C LEU C 173 -21.60 -17.44 -21.83
N VAL C 174 -20.96 -18.51 -22.29
CA VAL C 174 -21.66 -19.75 -22.64
C VAL C 174 -22.38 -20.38 -21.45
N GLY C 175 -21.65 -20.58 -20.35
CA GLY C 175 -22.24 -21.23 -19.18
C GLY C 175 -21.45 -21.06 -17.89
N VAL C 176 -22.18 -21.15 -16.78
CA VAL C 176 -21.59 -21.16 -15.44
C VAL C 176 -22.25 -22.22 -14.57
N THR C 177 -21.45 -23.10 -13.99
CA THR C 177 -21.96 -24.07 -13.02
C THR C 177 -21.20 -23.93 -11.71
N GLN C 178 -21.69 -24.58 -10.66
CA GLN C 178 -21.10 -24.46 -9.34
C GLN C 178 -21.13 -25.81 -8.63
N LYS C 179 -20.07 -26.11 -7.91
CA LYS C 179 -20.00 -27.38 -7.22
C LYS C 179 -19.33 -27.21 -5.88
N ARG C 180 -19.89 -27.86 -4.87
CA ARG C 180 -19.25 -27.96 -3.57
C ARG C 180 -18.56 -29.30 -3.49
N SER C 181 -17.26 -29.27 -3.17
CA SER C 181 -16.47 -30.48 -3.01
C SER C 181 -15.91 -30.53 -1.59
N GLU C 182 -15.41 -31.70 -1.21
CA GLU C 182 -14.79 -31.86 0.09
C GLU C 182 -13.52 -32.69 -0.09
N ARG C 183 -12.39 -32.07 0.17
CA ARG C 183 -11.12 -32.72 -0.10
C ARG C 183 -10.39 -33.02 1.21
N PHE C 184 -9.81 -34.21 1.28
CA PHE C 184 -8.93 -34.54 2.39
C PHE C 184 -7.50 -34.33 1.93
N TYR C 185 -6.73 -33.66 2.75
CA TYR C 185 -5.32 -33.52 2.48
C TYR C 185 -4.63 -34.45 3.47
N GLU C 186 -3.66 -35.21 3.00
CA GLU C 186 -3.06 -36.30 3.79
C GLU C 186 -2.49 -35.84 5.12
N CYS C 187 -2.50 -34.53 5.32
CA CYS C 187 -2.03 -33.88 6.53
C CYS C 187 -3.07 -33.89 7.65
N CYS C 188 -4.26 -33.42 7.33
CA CYS C 188 -5.10 -32.78 8.33
C CYS C 188 -6.45 -33.40 8.63
N LYS C 189 -6.43 -34.60 9.22
CA LYS C 189 -7.58 -35.15 9.95
C LYS C 189 -8.92 -34.97 9.23
N GLU C 190 -9.47 -33.76 9.34
CA GLU C 190 -10.79 -33.41 8.81
C GLU C 190 -10.72 -32.94 7.36
N PRO C 191 -11.85 -33.05 6.63
CA PRO C 191 -11.83 -32.52 5.25
C PRO C 191 -11.95 -30.99 5.19
N TYR C 192 -11.56 -30.40 4.07
CA TYR C 192 -11.77 -28.98 3.80
C TYR C 192 -12.66 -28.82 2.58
N PRO C 193 -13.79 -28.12 2.74
CA PRO C 193 -14.73 -27.96 1.62
C PRO C 193 -14.40 -26.76 0.75
N ASP C 194 -14.61 -26.91 -0.55
CA ASP C 194 -14.41 -25.83 -1.51
C ASP C 194 -15.62 -25.68 -2.41
N VAL C 195 -15.94 -24.43 -2.77
CA VAL C 195 -16.95 -24.21 -3.77
C VAL C 195 -16.25 -23.76 -5.05
N THR C 196 -16.54 -24.45 -6.14
CA THR C 196 -15.89 -24.16 -7.41
C THR C 196 -16.88 -23.72 -8.48
N PHE C 197 -16.68 -22.53 -9.00
CA PHE C 197 -17.52 -22.01 -10.07
C PHE C 197 -16.81 -22.22 -11.40
N THR C 198 -17.45 -22.97 -12.29
CA THR C 198 -16.91 -23.28 -13.61
C THR C 198 -17.50 -22.39 -14.71
N VAL C 199 -16.64 -21.64 -15.37
CA VAL C 199 -17.07 -20.62 -16.33
C VAL C 199 -16.64 -20.97 -17.74
N THR C 200 -17.61 -21.14 -18.63
CA THR C 200 -17.30 -21.40 -20.03
C THR C 200 -17.69 -20.20 -20.87
N PHE C 201 -16.80 -19.79 -21.77
CA PHE C 201 -16.96 -18.53 -22.50
C PHE C 201 -16.11 -18.52 -23.79
N ARG C 202 -16.57 -17.77 -24.78
CA ARG C 202 -15.87 -17.72 -26.05
C ARG C 202 -15.86 -16.32 -26.66
N LYS C 203 -14.91 -16.10 -27.56
CA LYS C 203 -14.80 -14.84 -28.28
C LYS C 203 -16.04 -14.68 -29.14
N LYS C 204 -16.60 -13.48 -29.17
CA LYS C 204 -17.74 -13.23 -30.04
C LYS C 204 -17.26 -13.12 -31.49
N GLY C 205 -18.00 -13.75 -32.40
CA GLY C 205 -17.67 -13.69 -33.82
C GLY C 205 -16.75 -14.79 -34.32
N GLY D 1 -16.38 -21.41 20.73
CA GLY D 1 -16.00 -20.01 20.82
C GLY D 1 -15.81 -19.52 22.24
N GLU D 2 -16.50 -20.16 23.18
CA GLU D 2 -16.48 -19.72 24.57
C GLU D 2 -15.07 -19.82 25.17
N PHE D 3 -14.43 -20.98 25.02
CA PHE D 3 -13.07 -21.13 25.50
C PHE D 3 -12.04 -20.67 24.47
N GLN D 4 -12.41 -20.71 23.20
CA GLN D 4 -11.53 -20.23 22.15
C GLN D 4 -11.19 -18.76 22.37
N ARG D 5 -12.21 -17.96 22.67
CA ARG D 5 -12.02 -16.54 22.93
C ARG D 5 -11.06 -16.31 24.09
N LYS D 6 -11.21 -17.09 25.15
CA LYS D 6 -10.36 -16.93 26.34
C LYS D 6 -8.94 -17.41 26.04
N LEU D 7 -8.81 -18.50 25.29
CA LEU D 7 -7.49 -18.98 24.88
C LEU D 7 -6.73 -17.94 24.01
N TYR D 8 -7.41 -17.31 23.05
CA TYR D 8 -6.76 -16.30 22.21
C TYR D 8 -6.18 -15.16 23.06
N LYS D 9 -6.87 -14.80 24.14
CA LYS D 9 -6.40 -13.77 25.06
C LYS D 9 -5.07 -14.18 25.70
N GLU D 10 -4.95 -15.46 26.05
CA GLU D 10 -3.77 -15.98 26.72
C GLU D 10 -2.55 -16.16 25.80
N LEU D 11 -2.78 -16.54 24.56
CA LEU D 11 -1.66 -16.78 23.67
C LEU D 11 -0.88 -15.51 23.36
N VAL D 12 -1.55 -14.35 23.41
CA VAL D 12 -0.87 -13.08 23.10
C VAL D 12 -0.37 -12.40 24.37
N LYS D 13 -0.82 -12.89 25.52
CA LYS D 13 -0.39 -12.32 26.81
C LYS D 13 1.03 -12.77 27.17
N ASN D 14 1.85 -11.82 27.61
CA ASN D 14 3.30 -12.04 27.81
C ASN D 14 3.96 -12.75 26.65
N TYR D 15 3.58 -12.37 25.45
CA TYR D 15 4.14 -12.98 24.26
C TYR D 15 4.66 -11.87 23.32
N ASN D 16 5.86 -12.07 22.81
CA ASN D 16 6.48 -11.12 21.90
C ASN D 16 6.80 -11.76 20.56
N PRO D 17 6.10 -11.32 19.51
CA PRO D 17 6.22 -11.91 18.18
C PRO D 17 7.59 -11.65 17.56
N ASP D 18 8.39 -10.80 18.18
CA ASP D 18 9.71 -10.52 17.64
C ASP D 18 10.78 -11.49 18.14
N VAL D 19 10.48 -12.26 19.17
CA VAL D 19 11.48 -13.12 19.81
C VAL D 19 11.44 -14.56 19.28
N ILE D 20 12.54 -15.03 18.71
CA ILE D 20 12.56 -16.41 18.22
C ILE D 20 12.45 -17.36 19.44
N PRO D 21 11.44 -18.25 19.42
CA PRO D 21 11.22 -19.15 20.57
C PRO D 21 12.28 -20.25 20.77
N THR D 22 13.55 -19.90 20.77
CA THR D 22 14.61 -20.84 21.10
C THR D 22 14.61 -21.19 22.60
N GLN D 23 15.25 -22.29 22.94
CA GLN D 23 15.65 -22.54 24.33
C GLN D 23 17.10 -22.90 24.36
N ARG D 24 17.75 -22.62 25.48
CA ARG D 24 19.15 -22.95 25.70
C ARG D 24 19.50 -24.32 25.08
N ASP D 25 20.42 -24.28 24.12
CA ASP D 25 20.95 -25.46 23.45
C ASP D 25 19.86 -26.18 22.62
N ARG D 26 18.87 -25.41 22.14
CA ARG D 26 17.80 -25.96 21.33
C ARG D 26 17.32 -24.95 20.27
N PRO D 27 17.83 -25.08 19.04
CA PRO D 27 17.28 -24.18 18.01
C PRO D 27 15.81 -24.41 17.78
N VAL D 28 15.19 -23.45 17.13
CA VAL D 28 13.89 -23.67 16.55
C VAL D 28 14.13 -24.37 15.22
N THR D 29 13.67 -25.61 15.15
CA THR D 29 13.65 -26.34 13.90
C THR D 29 12.49 -25.90 13.02
N VAL D 30 12.78 -25.43 11.81
CA VAL D 30 11.75 -24.98 10.90
C VAL D 30 11.72 -25.88 9.65
N TYR D 31 10.63 -26.64 9.49
CA TYR D 31 10.47 -27.48 8.31
C TYR D 31 9.96 -26.66 7.15
N PHE D 32 10.53 -26.89 5.98
CA PHE D 32 10.36 -25.97 4.87
C PHE D 32 10.33 -26.71 3.56
N SER D 33 9.31 -26.40 2.75
CA SER D 33 9.15 -27.00 1.45
C SER D 33 8.58 -26.00 0.43
N LEU D 34 8.94 -26.18 -0.84
CA LEU D 34 8.37 -25.39 -1.92
C LEU D 34 7.70 -26.28 -2.95
N SER D 35 6.50 -25.87 -3.37
CA SER D 35 5.74 -26.58 -4.39
C SER D 35 5.43 -25.62 -5.54
N LEU D 36 6.09 -25.83 -6.67
CA LEU D 36 5.90 -24.93 -7.81
C LEU D 36 4.54 -25.14 -8.49
N LEU D 37 3.79 -24.05 -8.66
CA LEU D 37 2.46 -24.11 -9.27
C LEU D 37 2.49 -23.71 -10.75
N GLN D 38 3.16 -22.61 -11.05
CA GLN D 38 3.22 -22.13 -12.43
C GLN D 38 4.40 -21.21 -12.65
N ILE D 39 4.94 -21.25 -13.86
CA ILE D 39 5.91 -20.27 -14.30
C ILE D 39 5.20 -19.25 -15.17
N MET D 40 4.97 -18.07 -14.59
CA MET D 40 4.17 -17.02 -15.22
C MET D 40 4.83 -16.41 -16.44
N ASP D 41 6.14 -16.15 -16.35
CA ASP D 41 6.83 -15.51 -17.44
C ASP D 41 8.35 -15.73 -17.37
N VAL D 42 9.03 -15.62 -18.52
CA VAL D 42 10.49 -15.54 -18.51
C VAL D 42 10.93 -14.32 -19.33
N ASP D 43 11.83 -13.56 -18.74
CA ASP D 43 12.33 -12.33 -19.33
C ASP D 43 13.78 -12.58 -19.75
N GLU D 44 13.97 -12.92 -21.03
CA GLU D 44 15.27 -13.30 -21.52
C GLU D 44 16.21 -12.11 -21.66
N LYS D 45 15.65 -10.92 -21.81
CA LYS D 45 16.48 -9.71 -21.90
C LYS D 45 17.03 -9.36 -20.52
N ASN D 46 16.19 -9.46 -19.50
CA ASN D 46 16.57 -9.01 -18.17
C ASN D 46 16.97 -10.13 -17.21
N GLN D 47 16.79 -11.37 -17.66
CA GLN D 47 17.19 -12.56 -16.90
C GLN D 47 16.39 -12.66 -15.61
N VAL D 48 15.08 -12.85 -15.79
CA VAL D 48 14.13 -12.93 -14.70
C VAL D 48 13.14 -14.07 -14.94
N VAL D 49 12.75 -14.76 -13.89
CA VAL D 49 11.69 -15.73 -14.01
C VAL D 49 10.61 -15.36 -12.99
N ASP D 50 9.35 -15.46 -13.41
CA ASP D 50 8.22 -15.01 -12.60
C ASP D 50 7.46 -16.26 -12.22
N VAL D 51 7.42 -16.56 -10.93
CA VAL D 51 6.83 -17.83 -10.47
C VAL D 51 5.73 -17.69 -9.41
N VAL D 52 4.81 -18.64 -9.48
CA VAL D 52 3.81 -18.82 -8.44
C VAL D 52 4.07 -20.14 -7.76
N PHE D 53 4.10 -20.13 -6.43
CA PHE D 53 4.42 -21.33 -5.68
C PHE D 53 3.80 -21.31 -4.28
N TRP D 54 3.76 -22.47 -3.64
CA TRP D 54 3.21 -22.67 -2.31
C TRP D 54 4.36 -23.03 -1.33
N LEU D 55 4.52 -22.27 -0.26
CA LEU D 55 5.55 -22.58 0.74
C LEU D 55 4.91 -23.18 1.94
N GLN D 56 5.64 -24.06 2.62
CA GLN D 56 4.99 -24.72 3.70
C GLN D 56 6.04 -24.70 4.80
N MET D 57 5.71 -23.98 5.86
CA MET D 57 6.61 -23.73 6.97
C MET D 57 5.95 -24.26 8.22
N SER D 58 6.69 -25.04 9.00
CA SER D 58 6.16 -25.51 10.27
C SER D 58 7.27 -25.57 11.29
N TRP D 59 6.90 -25.27 12.53
CA TRP D 59 7.86 -25.23 13.62
C TRP D 59 7.08 -25.30 14.93
N THR D 60 7.80 -25.52 16.02
CA THR D 60 7.17 -25.54 17.32
C THR D 60 7.53 -24.32 18.15
N ASP D 61 6.52 -23.73 18.76
CA ASP D 61 6.67 -22.56 19.62
C ASP D 61 6.07 -22.89 20.97
N HIS D 62 6.95 -23.15 21.93
CA HIS D 62 6.55 -23.65 23.26
C HIS D 62 5.75 -22.61 24.06
N TYR D 63 5.81 -21.34 23.67
CA TYR D 63 5.04 -20.32 24.36
C TYR D 63 3.58 -20.32 23.91
N LEU D 64 3.30 -21.12 22.88
CA LEU D 64 1.98 -21.14 22.26
C LEU D 64 1.19 -22.39 22.66
N GLN D 65 1.70 -23.14 23.62
CA GLN D 65 1.02 -24.37 23.97
C GLN D 65 -0.05 -24.13 25.01
N TRP D 66 -0.96 -25.07 25.13
CA TRP D 66 -1.93 -24.94 26.18
C TRP D 66 -2.42 -26.30 26.63
N ASN D 67 -3.12 -26.28 27.76
CA ASN D 67 -3.69 -27.48 28.34
C ASN D 67 -5.11 -27.68 27.81
N VAL D 68 -5.32 -28.74 27.03
CA VAL D 68 -6.61 -28.94 26.39
C VAL D 68 -7.75 -29.07 27.41
N SER D 69 -7.44 -29.61 28.57
CA SER D 69 -8.44 -29.74 29.62
C SER D 69 -8.91 -28.38 30.11
N GLU D 70 -8.02 -27.40 30.02
CA GLU D 70 -8.32 -26.05 30.47
C GLU D 70 -9.15 -25.32 29.42
N TYR D 71 -9.08 -25.81 28.18
CA TYR D 71 -9.85 -25.25 27.07
C TYR D 71 -10.49 -26.38 26.29
N PRO D 72 -11.48 -27.05 26.88
CA PRO D 72 -12.04 -28.25 26.28
C PRO D 72 -12.72 -27.92 24.95
N GLY D 73 -12.43 -28.74 23.93
CA GLY D 73 -12.96 -28.54 22.60
C GLY D 73 -11.97 -27.88 21.66
N VAL D 74 -11.03 -27.12 22.23
CA VAL D 74 -10.09 -26.34 21.44
C VAL D 74 -8.78 -27.09 21.18
N LYS D 75 -8.63 -27.64 19.98
CA LYS D 75 -7.42 -28.39 19.70
C LYS D 75 -6.51 -27.65 18.73
N GLN D 76 -7.05 -26.68 18.01
CA GLN D 76 -6.21 -25.83 17.16
C GLN D 76 -6.86 -24.50 16.94
N VAL D 77 -6.05 -23.50 16.68
CA VAL D 77 -6.57 -22.18 16.44
C VAL D 77 -5.94 -21.58 15.21
N SER D 78 -6.71 -20.73 14.54
CA SER D 78 -6.24 -20.02 13.37
C SER D 78 -5.91 -18.57 13.75
N VAL D 79 -4.65 -18.20 13.52
CA VAL D 79 -4.09 -16.99 14.12
C VAL D 79 -3.39 -16.12 13.06
N PRO D 80 -3.63 -14.79 13.09
CA PRO D 80 -2.91 -13.95 12.14
C PRO D 80 -1.41 -13.99 12.44
N ILE D 81 -0.58 -14.14 11.41
CA ILE D 81 0.88 -14.26 11.58
C ILE D 81 1.50 -13.03 12.25
N SER D 82 0.82 -11.89 12.15
CA SER D 82 1.29 -10.64 12.77
C SER D 82 1.37 -10.80 14.29
N SER D 83 0.61 -11.74 14.83
CA SER D 83 0.52 -11.87 16.28
C SER D 83 1.43 -12.97 16.85
N LEU D 84 2.10 -13.73 15.99
CA LEU D 84 3.09 -14.69 16.50
C LEU D 84 4.46 -14.61 15.80
N TRP D 85 5.49 -15.20 16.40
CA TRP D 85 6.80 -15.22 15.75
C TRP D 85 6.72 -16.13 14.53
N VAL D 86 7.26 -15.65 13.40
CA VAL D 86 7.37 -16.46 12.18
C VAL D 86 8.78 -16.36 11.63
N PRO D 87 9.26 -17.43 10.98
CA PRO D 87 10.62 -17.47 10.43
C PRO D 87 10.87 -16.32 9.43
N ASP D 88 11.96 -15.57 9.63
CA ASP D 88 12.30 -14.48 8.71
C ASP D 88 13.00 -15.01 7.45
N LEU D 89 12.38 -15.95 6.74
CA LEU D 89 12.99 -16.50 5.54
C LEU D 89 12.94 -15.49 4.40
N ALA D 90 14.06 -15.30 3.75
CA ALA D 90 14.14 -14.43 2.58
C ALA D 90 14.42 -15.23 1.31
N ALA D 91 13.97 -14.70 0.19
CA ALA D 91 14.35 -15.24 -1.10
C ALA D 91 15.60 -14.50 -1.55
N TYR D 92 16.76 -15.17 -1.46
CA TYR D 92 18.07 -14.57 -1.67
C TYR D 92 18.24 -13.86 -3.00
N ASN D 93 17.74 -14.49 -4.05
CA ASN D 93 17.95 -13.97 -5.38
C ASN D 93 16.64 -13.42 -5.98
N ALA D 94 15.73 -12.99 -5.13
CA ALA D 94 14.48 -12.39 -5.60
C ALA D 94 14.74 -10.97 -6.04
N ILE D 95 14.14 -10.54 -7.15
CA ILE D 95 14.31 -9.14 -7.54
C ILE D 95 13.02 -8.35 -7.35
N SER D 96 12.00 -8.99 -6.80
CA SER D 96 10.73 -8.32 -6.43
C SER D 96 10.25 -8.75 -5.03
N LYS D 97 9.37 -7.95 -4.43
CA LYS D 97 8.74 -8.31 -3.17
C LYS D 97 7.78 -9.47 -3.39
N PRO D 98 7.65 -10.37 -2.41
CA PRO D 98 6.70 -11.48 -2.55
C PRO D 98 5.27 -10.95 -2.53
N GLU D 99 4.42 -11.44 -3.43
CA GLU D 99 3.00 -11.11 -3.40
C GLU D 99 2.25 -12.30 -2.74
N VAL D 100 1.88 -12.15 -1.46
CA VAL D 100 1.19 -13.24 -0.79
C VAL D 100 -0.28 -13.29 -1.21
N LEU D 101 -0.69 -14.44 -1.72
CA LEU D 101 -1.97 -14.58 -2.40
C LEU D 101 -3.05 -15.10 -1.45
N THR D 102 -2.62 -15.80 -0.40
CA THR D 102 -3.54 -16.46 0.53
C THR D 102 -3.67 -15.65 1.85
N PRO D 103 -4.70 -15.96 2.67
CA PRO D 103 -4.88 -15.28 3.96
C PRO D 103 -3.68 -15.48 4.88
N GLN D 104 -3.22 -14.39 5.49
CA GLN D 104 -2.00 -14.47 6.28
C GLN D 104 -2.31 -14.99 7.67
N LEU D 105 -2.65 -16.27 7.70
CA LEU D 105 -3.05 -16.95 8.92
C LEU D 105 -2.19 -18.18 9.06
N ALA D 106 -1.93 -18.56 10.31
CA ALA D 106 -1.24 -19.80 10.62
C ALA D 106 -2.08 -20.64 11.57
N LEU D 107 -2.07 -21.96 11.37
CA LEU D 107 -2.72 -22.90 12.29
C LEU D 107 -1.79 -23.30 13.41
N VAL D 108 -2.28 -23.21 14.65
CA VAL D 108 -1.51 -23.61 15.80
C VAL D 108 -2.25 -24.67 16.63
N ASN D 109 -1.61 -25.80 16.95
CA ASN D 109 -2.25 -26.80 17.82
C ASN D 109 -1.82 -26.61 19.28
N SER D 110 -2.31 -27.46 20.18
CA SER D 110 -2.23 -27.21 21.62
C SER D 110 -0.85 -27.47 22.21
N SER D 111 0.00 -28.14 21.42
CA SER D 111 1.38 -28.34 21.83
C SER D 111 2.30 -27.30 21.15
N GLY D 112 1.68 -26.28 20.54
CA GLY D 112 2.42 -25.15 20.04
C GLY D 112 2.95 -25.32 18.64
N HIS D 113 2.56 -26.39 17.94
CA HIS D 113 3.04 -26.57 16.57
C HIS D 113 2.32 -25.60 15.63
N VAL D 114 3.11 -24.89 14.83
CA VAL D 114 2.57 -23.87 13.95
C VAL D 114 2.69 -24.33 12.52
N GLN D 115 1.63 -24.12 11.75
CA GLN D 115 1.73 -24.32 10.31
C GLN D 115 1.32 -23.06 9.55
N TYR D 116 2.21 -22.62 8.68
CA TYR D 116 2.00 -21.42 7.86
C TYR D 116 2.26 -21.79 6.41
N LEU D 117 1.22 -21.66 5.59
CA LEU D 117 1.24 -22.23 4.24
C LEU D 117 0.87 -21.24 3.16
N PRO D 118 1.69 -20.19 2.98
CA PRO D 118 1.34 -19.15 2.01
C PRO D 118 1.56 -19.54 0.54
N SER D 119 0.65 -19.10 -0.31
CA SER D 119 0.86 -19.17 -1.75
C SER D 119 1.39 -17.79 -2.20
N ILE D 120 2.46 -17.80 -2.99
CA ILE D 120 3.22 -16.60 -3.29
C ILE D 120 3.54 -16.45 -4.77
N ARG D 121 3.40 -15.22 -5.30
CA ARG D 121 3.98 -14.90 -6.60
C ARG D 121 5.22 -14.02 -6.39
N GLN D 122 6.33 -14.41 -6.99
CA GLN D 122 7.55 -13.61 -6.83
C GLN D 122 8.46 -13.73 -8.06
N ARG D 123 9.20 -12.66 -8.32
CA ARG D 123 10.17 -12.65 -9.42
C ARG D 123 11.64 -12.83 -8.98
N PHE D 124 12.35 -13.71 -9.66
CA PHE D 124 13.72 -14.08 -9.28
C PHE D 124 14.72 -13.81 -10.40
N SER D 125 15.94 -13.49 -10.00
CA SER D 125 17.08 -13.41 -10.91
C SER D 125 17.38 -14.79 -11.43
N CYS D 126 17.57 -14.92 -12.73
CA CYS D 126 17.83 -16.24 -13.28
C CYS D 126 18.30 -16.17 -14.73
N ASP D 127 19.19 -17.08 -15.08
CA ASP D 127 19.65 -17.18 -16.45
C ASP D 127 18.73 -18.11 -17.25
N VAL D 128 17.82 -17.51 -18.02
CA VAL D 128 16.82 -18.29 -18.75
C VAL D 128 17.26 -18.52 -20.19
N SER D 129 18.57 -18.44 -20.42
CA SER D 129 19.18 -18.62 -21.73
C SER D 129 18.69 -19.86 -22.47
N GLY D 130 18.53 -20.95 -21.74
CA GLY D 130 18.25 -22.22 -22.37
C GLY D 130 16.77 -22.56 -22.48
N VAL D 131 15.89 -21.59 -22.26
CA VAL D 131 14.46 -21.89 -22.16
C VAL D 131 13.86 -22.48 -23.46
N ASP D 132 14.39 -22.12 -24.63
CA ASP D 132 13.83 -22.66 -25.87
C ASP D 132 14.66 -23.86 -26.36
N THR D 133 15.92 -23.97 -25.92
CA THR D 133 16.63 -25.24 -26.02
C THR D 133 15.83 -26.16 -25.13
N GLU D 134 15.73 -27.43 -25.46
CA GLU D 134 14.98 -28.29 -24.57
C GLU D 134 15.86 -29.29 -23.84
N SER D 135 17.09 -28.85 -23.58
CA SER D 135 17.83 -29.27 -22.40
C SER D 135 17.42 -28.30 -21.28
N GLY D 136 16.78 -27.20 -21.69
CA GLY D 136 16.06 -26.32 -20.78
C GLY D 136 16.86 -25.23 -20.13
N ALA D 137 16.16 -24.38 -19.37
CA ALA D 137 16.78 -23.38 -18.52
C ALA D 137 16.72 -23.84 -17.07
N THR D 138 17.68 -23.40 -16.26
CA THR D 138 17.70 -23.82 -14.87
C THR D 138 17.73 -22.64 -13.90
N CYS D 139 16.70 -22.54 -13.06
CA CYS D 139 16.64 -21.49 -12.06
C CYS D 139 16.76 -22.08 -10.67
N LYS D 140 17.48 -21.37 -9.81
CA LYS D 140 17.67 -21.78 -8.42
C LYS D 140 17.00 -20.78 -7.50
N LEU D 141 15.90 -21.22 -6.88
CA LEU D 141 15.20 -20.42 -5.89
C LEU D 141 15.80 -20.71 -4.53
N LYS D 142 16.43 -19.69 -3.94
CA LYS D 142 17.23 -19.84 -2.72
C LYS D 142 16.60 -19.15 -1.50
N PHE D 143 16.43 -19.90 -0.40
CA PHE D 143 15.76 -19.38 0.79
C PHE D 143 16.57 -19.64 2.06
N GLY D 144 16.48 -18.72 3.02
CA GLY D 144 17.20 -18.85 4.28
C GLY D 144 16.84 -17.73 5.24
N SER D 145 17.04 -17.99 6.54
CA SER D 145 16.86 -16.94 7.54
C SER D 145 17.77 -15.75 7.23
N TRP D 146 17.21 -14.55 7.30
CA TRP D 146 17.99 -13.37 7.04
C TRP D 146 18.85 -12.98 8.23
N THR D 147 18.39 -13.29 9.44
CA THR D 147 19.07 -12.83 10.64
C THR D 147 19.36 -13.89 11.74
N HIS D 148 18.96 -15.13 11.55
CA HIS D 148 19.25 -16.19 12.53
C HIS D 148 20.14 -17.29 11.96
N HIS D 149 21.30 -17.48 12.56
CA HIS D 149 22.16 -18.59 12.21
C HIS D 149 21.58 -19.93 12.69
N SER D 150 22.21 -21.03 12.28
CA SER D 150 21.62 -22.36 12.39
C SER D 150 21.51 -22.89 13.81
N ARG D 151 22.15 -22.24 14.77
CA ARG D 151 21.98 -22.70 16.14
C ARG D 151 20.84 -21.95 16.85
N GLU D 152 20.22 -21.03 16.11
CA GLU D 152 18.99 -20.36 16.53
C GLU D 152 17.81 -20.91 15.71
N LEU D 153 18.01 -20.99 14.41
CA LEU D 153 16.98 -21.48 13.50
C LEU D 153 17.51 -22.62 12.66
N ASP D 154 17.00 -23.82 12.93
CA ASP D 154 17.44 -25.02 12.25
C ASP D 154 16.55 -25.27 11.05
N LEU D 155 17.00 -24.82 9.89
CA LEU D 155 16.17 -24.93 8.68
C LEU D 155 16.29 -26.34 8.11
N GLN D 156 15.15 -27.02 8.00
CA GLN D 156 15.10 -28.39 7.47
C GLN D 156 14.19 -28.49 6.26
N MET D 157 14.68 -29.18 5.23
CA MET D 157 13.87 -29.47 4.05
C MET D 157 12.82 -30.49 4.37
N GLN D 158 11.72 -30.46 3.61
CA GLN D 158 10.86 -31.62 3.50
C GLN D 158 10.71 -31.89 2.00
N GLU D 159 10.31 -33.10 1.63
CA GLU D 159 10.29 -33.49 0.21
C GLU D 159 9.41 -32.57 -0.63
N ALA D 160 9.99 -32.06 -1.72
CA ALA D 160 9.30 -31.12 -2.61
C ALA D 160 8.20 -31.79 -3.40
N ASP D 161 7.32 -30.96 -3.96
CA ASP D 161 6.13 -31.45 -4.61
C ASP D 161 6.02 -30.81 -5.98
N ILE D 162 5.79 -31.61 -7.03
CA ILE D 162 5.56 -31.03 -8.35
C ILE D 162 4.18 -31.43 -8.90
N SER D 163 3.44 -32.24 -8.14
CA SER D 163 2.11 -32.67 -8.57
C SER D 163 1.15 -31.49 -8.76
N GLY D 164 1.46 -30.38 -8.10
CA GLY D 164 0.64 -29.19 -8.22
C GLY D 164 0.98 -28.30 -9.39
N TYR D 165 2.00 -28.66 -10.17
CA TYR D 165 2.38 -27.82 -11.31
C TYR D 165 1.29 -27.87 -12.37
N ILE D 166 0.96 -26.70 -12.90
CA ILE D 166 -0.08 -26.55 -13.92
C ILE D 166 0.28 -27.34 -15.20
N PRO D 167 -0.67 -28.16 -15.68
CA PRO D 167 -0.38 -29.04 -16.83
C PRO D 167 -0.60 -28.37 -18.19
N TYR D 168 -1.23 -27.20 -18.22
CA TYR D 168 -1.53 -26.52 -19.48
C TYR D 168 -0.57 -25.36 -19.69
N SER D 169 0.42 -25.25 -18.81
CA SER D 169 1.41 -24.19 -18.87
C SER D 169 2.13 -24.18 -20.21
N ARG D 170 2.54 -22.98 -20.63
CA ARG D 170 3.41 -22.82 -21.80
C ARG D 170 4.73 -23.60 -21.61
N PHE D 171 5.14 -23.74 -20.34
CA PHE D 171 6.41 -24.37 -20.02
C PHE D 171 6.27 -25.79 -19.52
N GLU D 172 7.14 -26.66 -20.01
CA GLU D 172 7.21 -28.02 -19.51
C GLU D 172 8.16 -28.08 -18.32
N LEU D 173 7.67 -28.59 -17.20
CA LEU D 173 8.47 -28.72 -16.00
C LEU D 173 9.28 -30.00 -16.07
N VAL D 174 10.58 -29.87 -16.32
CA VAL D 174 11.42 -31.04 -16.48
C VAL D 174 11.67 -31.73 -15.14
N GLY D 175 12.01 -30.95 -14.12
CA GLY D 175 12.21 -31.52 -12.80
C GLY D 175 12.58 -30.50 -11.75
N VAL D 176 12.46 -30.91 -10.50
CA VAL D 176 12.88 -30.07 -9.40
C VAL D 176 13.69 -30.85 -8.40
N THR D 177 14.90 -30.37 -8.10
CA THR D 177 15.68 -30.95 -7.01
C THR D 177 15.83 -29.90 -5.91
N GLN D 178 16.05 -30.36 -4.68
CA GLN D 178 16.24 -29.45 -3.56
C GLN D 178 17.52 -29.81 -2.80
N LYS D 179 18.13 -28.83 -2.15
CA LYS D 179 19.39 -29.04 -1.47
C LYS D 179 19.52 -28.10 -0.28
N ARG D 180 19.78 -28.67 0.90
CA ARG D 180 20.06 -27.87 2.09
C ARG D 180 21.55 -27.71 2.28
N SER D 181 21.98 -26.48 2.42
CA SER D 181 23.38 -26.17 2.58
C SER D 181 23.57 -25.40 3.87
N GLU D 182 24.80 -25.40 4.35
CA GLU D 182 25.16 -24.60 5.50
C GLU D 182 26.36 -23.80 5.06
N ARG D 183 26.24 -22.49 5.09
CA ARG D 183 27.35 -21.66 4.61
C ARG D 183 27.84 -20.67 5.67
N PHE D 184 29.15 -20.45 5.68
CA PHE D 184 29.73 -19.49 6.59
C PHE D 184 29.92 -18.15 5.90
N TYR D 185 29.95 -17.10 6.69
CA TYR D 185 30.24 -15.78 6.19
C TYR D 185 31.39 -15.26 7.03
N GLU D 186 32.23 -14.45 6.42
CA GLU D 186 33.42 -13.91 7.09
C GLU D 186 33.03 -13.10 8.33
N CYS D 187 31.78 -12.65 8.37
CA CYS D 187 31.25 -11.86 9.49
C CYS D 187 31.09 -12.62 10.83
N CYS D 188 30.48 -13.81 10.78
CA CYS D 188 29.94 -14.42 11.99
C CYS D 188 30.55 -15.80 12.29
N LYS D 189 30.65 -16.13 13.56
CA LYS D 189 31.15 -17.46 13.93
C LYS D 189 30.22 -18.54 13.41
N GLU D 190 28.91 -18.29 13.47
CA GLU D 190 27.95 -19.33 13.16
C GLU D 190 27.54 -19.31 11.70
N PRO D 191 27.39 -20.52 11.11
CA PRO D 191 26.95 -20.66 9.72
C PRO D 191 25.46 -20.39 9.58
N TYR D 192 25.01 -20.07 8.37
CA TYR D 192 23.60 -19.83 8.11
C TYR D 192 23.09 -20.82 7.07
N PRO D 193 22.16 -21.70 7.48
CA PRO D 193 21.60 -22.69 6.56
C PRO D 193 20.72 -22.06 5.48
N ASP D 194 20.64 -22.69 4.32
CA ASP D 194 19.65 -22.30 3.31
C ASP D 194 19.06 -23.51 2.62
N VAL D 195 17.92 -23.31 1.99
CA VAL D 195 17.38 -24.33 1.12
C VAL D 195 17.24 -23.76 -0.29
N THR D 196 17.77 -24.48 -1.25
CA THR D 196 17.73 -24.05 -2.63
C THR D 196 16.91 -25.04 -3.44
N PHE D 197 16.00 -24.52 -4.26
CA PHE D 197 15.22 -25.36 -5.14
C PHE D 197 15.66 -25.11 -6.57
N THR D 198 16.12 -26.17 -7.20
CA THR D 198 16.61 -26.06 -8.56
C THR D 198 15.53 -26.56 -9.48
N VAL D 199 15.03 -25.65 -10.29
CA VAL D 199 13.98 -25.98 -11.24
C VAL D 199 14.53 -25.92 -12.66
N THR D 200 14.31 -26.98 -13.41
CA THR D 200 14.71 -27.03 -14.80
C THR D 200 13.47 -27.12 -15.68
N PHE D 201 13.36 -26.23 -16.65
CA PHE D 201 12.16 -26.16 -17.47
C PHE D 201 12.46 -25.69 -18.89
N ARG D 202 11.48 -25.83 -19.77
CA ARG D 202 11.69 -25.54 -21.18
C ARG D 202 10.37 -25.27 -21.88
N LYS D 203 10.40 -24.38 -22.88
CA LYS D 203 9.19 -24.05 -23.62
C LYS D 203 8.71 -25.29 -24.36
N LYS D 204 7.39 -25.52 -24.37
CA LYS D 204 6.83 -26.67 -25.07
C LYS D 204 6.87 -26.47 -26.58
N GLY D 205 7.61 -27.32 -27.28
CA GLY D 205 7.84 -27.15 -28.71
C GLY D 205 7.10 -28.14 -29.57
N GLY E 1 14.90 -18.56 24.70
CA GLY E 1 14.78 -17.13 24.67
C GLY E 1 14.00 -16.57 25.85
N GLU E 2 14.21 -17.12 27.03
CA GLU E 2 13.65 -16.57 28.26
C GLU E 2 14.34 -15.25 28.63
N PHE E 3 15.66 -15.25 28.56
CA PHE E 3 16.39 -14.02 28.81
C PHE E 3 16.16 -13.08 27.63
N GLN E 4 16.00 -13.65 26.45
CA GLN E 4 15.72 -12.84 25.27
C GLN E 4 14.41 -12.07 25.43
N ARG E 5 13.38 -12.71 25.96
CA ARG E 5 12.11 -12.02 26.13
C ARG E 5 12.27 -10.87 27.12
N LYS E 6 13.04 -11.05 28.20
CA LYS E 6 13.26 -9.94 29.13
C LYS E 6 14.03 -8.79 28.47
N LEU E 7 15.06 -9.12 27.68
CA LEU E 7 15.86 -8.10 27.02
C LEU E 7 15.04 -7.23 26.06
N TYR E 8 14.20 -7.85 25.22
CA TYR E 8 13.41 -7.08 24.25
C TYR E 8 12.55 -6.00 24.92
N LYS E 9 11.92 -6.31 26.07
CA LYS E 9 11.20 -5.28 26.81
C LYS E 9 12.08 -4.11 27.26
N GLU E 10 13.23 -4.42 27.84
CA GLU E 10 14.11 -3.37 28.36
C GLU E 10 14.65 -2.46 27.24
N LEU E 11 14.94 -3.04 26.08
CA LEU E 11 15.45 -2.26 24.96
C LEU E 11 14.43 -1.25 24.46
N VAL E 12 13.16 -1.64 24.39
CA VAL E 12 12.15 -0.73 23.88
C VAL E 12 11.59 0.17 24.99
N LYS E 13 11.92 -0.15 26.24
CA LYS E 13 11.47 0.71 27.34
C LYS E 13 12.11 2.10 27.25
N ASN E 14 11.25 3.11 27.28
CA ASN E 14 11.64 4.52 27.17
C ASN E 14 12.56 4.82 25.99
N TYR E 15 12.29 4.19 24.86
CA TYR E 15 13.13 4.36 23.70
C TYR E 15 12.30 5.03 22.63
N ASN E 16 12.85 6.07 22.02
CA ASN E 16 12.17 6.75 20.94
C ASN E 16 12.93 6.67 19.62
N PRO E 17 12.44 5.84 18.69
CA PRO E 17 13.12 5.64 17.41
C PRO E 17 13.09 6.87 16.48
N ASP E 18 12.49 7.98 16.88
CA ASP E 18 12.59 9.19 16.07
C ASP E 18 13.83 9.97 16.43
N VAL E 19 14.47 9.57 17.52
CA VAL E 19 15.56 10.34 18.09
C VAL E 19 16.94 9.78 17.72
N ILE E 20 17.71 10.55 16.98
CA ILE E 20 19.05 10.12 16.62
C ILE E 20 19.87 9.99 17.91
N PRO E 21 20.50 8.82 18.13
CA PRO E 21 21.16 8.53 19.40
C PRO E 21 22.56 9.14 19.54
N THR E 22 22.65 10.47 19.49
CA THR E 22 23.89 11.16 19.84
C THR E 22 24.11 11.20 21.38
N GLN E 23 25.34 11.57 21.80
CA GLN E 23 25.91 11.59 23.18
C GLN E 23 27.04 12.65 23.04
N ARG E 24 27.93 13.05 23.99
CA ARG E 24 28.90 14.22 23.71
C ARG E 24 27.98 15.40 23.45
N ASP E 25 28.06 15.87 22.23
CA ASP E 25 27.04 15.55 21.27
C ASP E 25 27.78 15.01 19.99
N ARG E 26 28.14 13.75 20.10
CA ARG E 26 28.92 13.05 19.06
C ARG E 26 28.11 12.79 17.82
N PRO E 27 28.74 12.91 16.66
CA PRO E 27 27.77 12.37 15.72
C PRO E 27 27.65 10.85 15.84
N VAL E 28 26.50 10.33 15.49
CA VAL E 28 26.41 8.90 15.29
C VAL E 28 27.22 8.66 14.04
N THR E 29 28.25 7.81 14.13
CA THR E 29 28.96 7.38 12.92
C THR E 29 28.20 6.26 12.23
N VAL E 30 27.91 6.45 10.96
CA VAL E 30 27.19 5.42 10.23
C VAL E 30 28.08 4.87 9.11
N TYR E 31 28.32 3.58 9.15
CA TYR E 31 29.08 2.95 8.09
C TYR E 31 28.15 2.47 6.99
N PHE E 32 28.53 2.74 5.74
CA PHE E 32 27.66 2.55 4.58
C PHE E 32 28.42 1.89 3.46
N SER E 33 27.81 0.92 2.80
CA SER E 33 28.40 0.36 1.61
C SER E 33 27.32 -0.19 0.68
N LEU E 34 27.60 -0.17 -0.62
CA LEU E 34 26.70 -0.69 -1.62
C LEU E 34 27.38 -1.77 -2.45
N SER E 35 26.73 -2.93 -2.53
CA SER E 35 27.14 -4.01 -3.41
C SER E 35 26.09 -4.19 -4.51
N LEU E 36 26.51 -4.02 -5.75
CA LEU E 36 25.58 -4.03 -6.86
C LEU E 36 25.26 -5.47 -7.30
N LEU E 37 23.97 -5.80 -7.38
CA LEU E 37 23.60 -7.19 -7.66
C LEU E 37 23.22 -7.39 -9.13
N GLN E 38 22.43 -6.46 -9.65
CA GLN E 38 21.91 -6.61 -11.00
C GLN E 38 21.46 -5.28 -11.57
N ILE E 39 21.87 -5.00 -12.80
CA ILE E 39 21.27 -3.90 -13.55
C ILE E 39 20.09 -4.49 -14.30
N MET E 40 18.89 -4.13 -13.85
CA MET E 40 17.65 -4.74 -14.34
C MET E 40 17.24 -4.20 -15.70
N ASP E 41 17.44 -2.91 -15.91
CA ASP E 41 16.98 -2.28 -17.13
C ASP E 41 17.62 -0.91 -17.33
N VAL E 42 17.77 -0.52 -18.59
CA VAL E 42 18.15 0.84 -18.90
C VAL E 42 17.05 1.43 -19.77
N ASP E 43 16.69 2.67 -19.47
CA ASP E 43 15.67 3.41 -20.22
C ASP E 43 16.36 4.55 -20.98
N GLU E 44 16.66 4.32 -22.25
CA GLU E 44 17.45 5.29 -23.01
C GLU E 44 16.66 6.53 -23.42
N LYS E 45 15.33 6.41 -23.43
CA LYS E 45 14.48 7.54 -23.78
C LYS E 45 14.35 8.50 -22.59
N ASN E 46 14.16 7.95 -21.39
CA ASN E 46 13.88 8.77 -20.21
C ASN E 46 15.06 8.93 -19.26
N GLN E 47 16.17 8.26 -19.59
CA GLN E 47 17.42 8.37 -18.84
C GLN E 47 17.27 7.85 -17.42
N VAL E 48 17.04 6.54 -17.30
CA VAL E 48 16.83 5.90 -16.01
C VAL E 48 17.61 4.58 -15.93
N VAL E 49 18.21 4.29 -14.77
CA VAL E 49 18.65 2.91 -14.50
C VAL E 49 17.81 2.28 -13.41
N ASP E 50 17.48 1.03 -13.65
CA ASP E 50 16.82 0.17 -12.70
C ASP E 50 17.89 -0.79 -12.12
N VAL E 51 18.17 -0.67 -10.81
CA VAL E 51 19.18 -1.54 -10.19
C VAL E 51 18.71 -2.31 -8.94
N VAL E 52 19.27 -3.50 -8.73
CA VAL E 52 19.06 -4.20 -7.47
C VAL E 52 20.39 -4.20 -6.71
N PHE E 53 20.38 -3.74 -5.46
CA PHE E 53 21.64 -3.64 -4.73
C PHE E 53 21.47 -4.00 -3.26
N TRP E 54 22.60 -4.26 -2.61
CA TRP E 54 22.63 -4.69 -1.23
C TRP E 54 23.30 -3.61 -0.41
N LEU E 55 22.56 -3.01 0.53
CA LEU E 55 23.16 -2.03 1.41
C LEU E 55 23.67 -2.64 2.68
N GLN E 56 24.81 -2.17 3.15
CA GLN E 56 25.22 -2.49 4.50
C GLN E 56 25.35 -1.21 5.29
N MET E 57 24.51 -1.09 6.29
CA MET E 57 24.58 0.02 7.21
C MET E 57 24.84 -0.49 8.63
N SER E 58 25.76 0.16 9.32
CA SER E 58 26.02 -0.18 10.72
C SER E 58 26.36 1.08 11.49
N TRP E 59 25.95 1.10 12.76
CA TRP E 59 26.19 2.23 13.64
C TRP E 59 26.03 1.75 15.07
N THR E 60 26.47 2.55 16.03
CA THR E 60 26.25 2.21 17.42
C THR E 60 25.15 3.06 18.03
N ASP E 61 24.11 2.40 18.52
CA ASP E 61 23.06 3.06 19.29
C ASP E 61 23.32 2.78 20.75
N HIS E 62 23.69 3.80 21.52
CA HIS E 62 24.18 3.54 22.87
C HIS E 62 23.08 3.19 23.86
N TYR E 63 21.83 3.45 23.49
CA TYR E 63 20.69 3.15 24.36
C TYR E 63 20.32 1.68 24.26
N LEU E 64 20.97 0.99 23.32
CA LEU E 64 20.64 -0.40 23.02
C LEU E 64 21.71 -1.39 23.51
N GLN E 65 22.47 -1.02 24.53
CA GLN E 65 23.48 -1.93 25.03
C GLN E 65 22.95 -2.60 26.29
N TRP E 66 23.49 -3.76 26.63
CA TRP E 66 23.11 -4.45 27.85
C TRP E 66 24.30 -5.17 28.45
N ASN E 67 24.17 -5.46 29.73
CA ASN E 67 25.14 -6.24 30.46
C ASN E 67 24.89 -7.71 30.18
N VAL E 68 25.84 -8.36 29.52
CA VAL E 68 25.62 -9.71 29.01
C VAL E 68 25.54 -10.76 30.13
N SER E 69 26.12 -10.44 31.29
CA SER E 69 26.02 -11.32 32.47
C SER E 69 24.61 -11.30 33.07
N GLU E 70 23.82 -10.32 32.65
CA GLU E 70 22.45 -10.22 33.14
C GLU E 70 21.50 -10.96 32.19
N TYR E 71 21.98 -11.28 30.99
CA TYR E 71 21.21 -12.10 30.04
C TYR E 71 22.12 -13.19 29.45
N PRO E 72 22.48 -14.19 30.29
CA PRO E 72 23.50 -15.21 30.06
C PRO E 72 23.69 -15.64 28.60
N GLY E 73 22.67 -16.20 27.97
CA GLY E 73 22.88 -16.63 26.60
C GLY E 73 22.96 -15.54 25.53
N VAL E 74 22.55 -14.32 25.85
CA VAL E 74 22.15 -13.40 24.80
C VAL E 74 23.26 -12.46 24.33
N LYS E 75 23.72 -12.68 23.11
CA LYS E 75 24.83 -11.93 22.52
C LYS E 75 24.37 -10.98 21.45
N GLN E 76 23.19 -11.26 20.91
CA GLN E 76 22.73 -10.63 19.70
C GLN E 76 21.21 -10.80 19.57
N VAL E 77 20.52 -9.76 19.13
CA VAL E 77 19.10 -9.91 18.95
C VAL E 77 18.64 -9.36 17.60
N SER E 78 17.62 -10.00 17.06
CA SER E 78 17.08 -9.63 15.78
C SER E 78 15.78 -8.83 16.00
N VAL E 79 15.80 -7.59 15.53
CA VAL E 79 14.80 -6.61 15.91
C VAL E 79 14.19 -5.90 14.69
N PRO E 80 12.86 -5.72 14.69
CA PRO E 80 12.20 -4.96 13.61
C PRO E 80 12.76 -3.56 13.57
N ILE E 81 13.04 -3.01 12.39
CA ILE E 81 13.59 -1.66 12.35
C ILE E 81 12.58 -0.60 12.78
N SER E 82 11.30 -0.97 12.83
CA SER E 82 10.27 -0.04 13.26
C SER E 82 10.43 0.30 14.74
N SER E 83 11.22 -0.48 15.46
CA SER E 83 11.36 -0.23 16.88
C SER E 83 12.67 0.45 17.24
N LEU E 84 13.51 0.74 16.27
CA LEU E 84 14.74 1.47 16.60
C LEU E 84 15.05 2.59 15.62
N TRP E 85 15.90 3.51 16.03
CA TRP E 85 16.36 4.55 15.13
C TRP E 85 17.19 3.93 14.01
N VAL E 86 16.89 4.34 12.79
CA VAL E 86 17.71 3.98 11.63
C VAL E 86 18.05 5.27 10.91
N PRO E 87 19.22 5.29 10.26
CA PRO E 87 19.63 6.47 9.49
C PRO E 87 18.61 6.81 8.39
N ASP E 88 18.32 8.10 8.23
CA ASP E 88 17.36 8.54 7.23
C ASP E 88 18.04 8.77 5.90
N LEU E 89 18.71 7.73 5.40
CA LEU E 89 19.52 7.88 4.20
C LEU E 89 18.60 7.94 3.00
N ALA E 90 18.88 8.89 2.13
CA ALA E 90 18.13 9.01 0.90
C ALA E 90 19.05 8.89 -0.29
N ALA E 91 18.54 8.27 -1.35
CA ALA E 91 19.12 8.31 -2.68
C ALA E 91 18.75 9.63 -3.37
N TYR E 92 19.71 10.54 -3.47
CA TYR E 92 19.43 11.92 -3.94
C TYR E 92 18.90 11.99 -5.38
N ASN E 93 19.22 10.99 -6.19
CA ASN E 93 18.84 11.02 -7.59
C ASN E 93 17.97 9.84 -7.98
N ALA E 94 17.33 9.23 -6.99
CA ALA E 94 16.31 8.22 -7.26
C ALA E 94 15.08 8.89 -7.91
N ILE E 95 14.40 8.17 -8.79
CA ILE E 95 13.13 8.65 -9.33
C ILE E 95 12.02 7.65 -9.01
N SER E 96 12.32 6.67 -8.14
CA SER E 96 11.30 5.80 -7.57
C SER E 96 11.57 5.58 -6.09
N LYS E 97 10.53 5.26 -5.33
CA LYS E 97 10.70 4.80 -3.96
C LYS E 97 11.54 3.52 -3.90
N PRO E 98 12.35 3.38 -2.84
CA PRO E 98 13.10 2.12 -2.73
C PRO E 98 12.17 0.96 -2.41
N GLU E 99 12.30 -0.14 -3.15
CA GLU E 99 11.58 -1.37 -2.85
C GLU E 99 12.49 -2.33 -2.05
N VAL E 100 12.15 -2.53 -0.78
CA VAL E 100 12.93 -3.42 0.09
C VAL E 100 12.54 -4.88 -0.08
N LEU E 101 13.52 -5.71 -0.42
CA LEU E 101 13.28 -7.07 -0.84
C LEU E 101 13.41 -8.07 0.30
N THR E 102 14.01 -7.63 1.40
CA THR E 102 14.43 -8.53 2.48
C THR E 102 13.74 -8.15 3.79
N PRO E 103 13.69 -9.08 4.78
CA PRO E 103 12.99 -8.77 6.03
C PRO E 103 13.54 -7.51 6.70
N GLN E 104 12.64 -6.65 7.16
CA GLN E 104 13.07 -5.36 7.69
C GLN E 104 13.49 -5.49 9.15
N LEU E 105 14.61 -6.19 9.32
CA LEU E 105 15.09 -6.53 10.64
C LEU E 105 16.52 -6.08 10.74
N ALA E 106 16.90 -5.61 11.92
CA ALA E 106 18.29 -5.35 12.19
C ALA E 106 18.83 -6.30 13.28
N LEU E 107 20.14 -6.55 13.23
CA LEU E 107 20.86 -7.31 14.25
C LEU E 107 21.49 -6.34 15.24
N VAL E 108 21.32 -6.59 16.52
CA VAL E 108 21.87 -5.70 17.53
C VAL E 108 22.70 -6.47 18.53
N ASN E 109 23.96 -6.06 18.76
CA ASN E 109 24.76 -6.78 19.75
C ASN E 109 24.77 -6.01 21.06
N SER E 110 25.40 -6.57 22.08
CA SER E 110 25.26 -6.12 23.45
C SER E 110 25.96 -4.78 23.74
N SER E 111 26.88 -4.34 22.88
CA SER E 111 27.42 -2.99 23.05
C SER E 111 26.67 -1.97 22.18
N GLY E 112 25.51 -2.35 21.68
CA GLY E 112 24.66 -1.44 20.94
C GLY E 112 25.00 -1.32 19.46
N HIS E 113 25.88 -2.17 18.94
CA HIS E 113 26.15 -2.09 17.51
C HIS E 113 25.01 -2.69 16.71
N VAL E 114 24.49 -1.89 15.79
CA VAL E 114 23.38 -2.29 14.96
C VAL E 114 23.80 -2.58 13.52
N GLN E 115 23.26 -3.64 12.94
CA GLN E 115 23.45 -3.90 11.53
C GLN E 115 22.13 -4.08 10.79
N TYR E 116 21.96 -3.27 9.74
CA TYR E 116 20.79 -3.32 8.88
C TYR E 116 21.28 -3.56 7.45
N LEU E 117 20.90 -4.69 6.86
CA LEU E 117 21.48 -5.12 5.61
C LEU E 117 20.47 -5.42 4.51
N PRO E 118 19.64 -4.43 4.15
CA PRO E 118 18.59 -4.66 3.15
C PRO E 118 19.08 -4.78 1.71
N SER E 119 18.52 -5.75 1.00
CA SER E 119 18.63 -5.78 -0.43
C SER E 119 17.49 -4.91 -1.00
N ILE E 120 17.80 -4.09 -2.01
CA ILE E 120 16.88 -3.05 -2.46
C ILE E 120 16.81 -2.93 -3.98
N ARG E 121 15.60 -2.67 -4.50
CA ARG E 121 15.41 -2.35 -5.93
C ARG E 121 14.90 -0.93 -6.09
N GLN E 122 15.49 -0.21 -7.02
CA GLN E 122 15.26 1.21 -7.09
C GLN E 122 15.71 1.79 -8.42
N ARG E 123 15.00 2.80 -8.88
CA ARG E 123 15.31 3.42 -10.16
C ARG E 123 15.96 4.76 -9.92
N PHE E 124 17.00 5.05 -10.71
CA PHE E 124 17.76 6.29 -10.60
C PHE E 124 17.82 7.08 -11.91
N SER E 125 17.85 8.39 -11.80
CA SER E 125 18.16 9.21 -12.96
C SER E 125 19.58 8.95 -13.37
N CYS E 126 19.78 8.74 -14.67
CA CYS E 126 21.12 8.50 -15.17
C CYS E 126 21.20 8.67 -16.67
N ASP E 127 22.28 9.29 -17.14
CA ASP E 127 22.58 9.35 -18.57
C ASP E 127 23.16 8.03 -19.08
N VAL E 128 22.33 7.24 -19.75
CA VAL E 128 22.73 5.92 -20.22
C VAL E 128 22.96 5.89 -21.72
N SER E 129 23.35 7.04 -22.27
CA SER E 129 23.67 7.19 -23.69
C SER E 129 24.70 6.19 -24.20
N GLY E 130 25.84 6.15 -23.54
CA GLY E 130 26.97 5.37 -24.02
C GLY E 130 26.94 3.90 -23.64
N VAL E 131 25.74 3.35 -23.39
CA VAL E 131 25.65 1.96 -22.94
C VAL E 131 26.02 0.97 -24.06
N ASP E 132 25.89 1.39 -25.31
CA ASP E 132 26.28 0.55 -26.45
C ASP E 132 27.75 0.69 -26.79
N THR E 133 28.36 1.77 -26.32
CA THR E 133 29.77 2.06 -26.62
C THR E 133 30.72 1.21 -25.80
N GLU E 134 32.01 1.41 -26.00
CA GLU E 134 32.99 0.63 -25.28
C GLU E 134 33.37 1.32 -23.98
N SER E 135 33.27 2.64 -23.95
CA SER E 135 33.48 3.36 -22.70
C SER E 135 32.26 3.24 -21.78
N GLY E 136 31.14 2.76 -22.32
CA GLY E 136 29.96 2.46 -21.51
C GLY E 136 29.23 3.68 -20.94
N ALA E 137 28.16 3.42 -20.19
CA ALA E 137 27.45 4.48 -19.49
C ALA E 137 27.88 4.54 -18.03
N THR E 138 27.94 5.75 -17.50
CA THR E 138 28.29 5.97 -16.10
C THR E 138 27.11 6.49 -15.27
N CYS E 139 26.77 5.79 -14.19
CA CYS E 139 25.71 6.25 -13.29
C CYS E 139 26.26 6.55 -11.89
N LYS E 140 25.86 7.71 -11.36
CA LYS E 140 26.20 8.06 -9.99
C LYS E 140 25.02 7.77 -9.08
N LEU E 141 25.21 6.87 -8.12
CA LEU E 141 24.20 6.58 -7.10
C LEU E 141 24.56 7.33 -5.81
N LYS E 142 23.92 8.46 -5.56
CA LYS E 142 24.36 9.33 -4.47
C LYS E 142 23.51 9.15 -3.21
N PHE E 143 24.13 8.86 -2.06
CA PHE E 143 23.37 8.69 -0.82
C PHE E 143 23.84 9.60 0.30
N GLY E 144 22.89 10.04 1.13
CA GLY E 144 23.20 10.88 2.26
C GLY E 144 22.00 10.97 3.18
N SER E 145 22.22 11.43 4.41
CA SER E 145 21.13 11.69 5.33
C SER E 145 20.23 12.78 4.78
N TRP E 146 18.94 12.73 5.10
CA TRP E 146 18.07 13.72 4.51
C TRP E 146 17.92 14.90 5.46
N THR E 147 18.08 14.66 6.76
CA THR E 147 17.81 15.74 7.72
C THR E 147 18.92 15.95 8.76
N HIS E 148 19.96 15.12 8.70
CA HIS E 148 21.06 15.23 9.66
C HIS E 148 22.37 15.67 9.02
N HIS E 149 22.93 16.76 9.52
CA HIS E 149 24.20 17.22 9.01
C HIS E 149 25.39 16.48 9.69
N SER E 150 26.61 16.86 9.30
CA SER E 150 27.85 16.18 9.70
C SER E 150 28.09 16.02 11.19
N ARG E 151 27.74 17.02 11.97
CA ARG E 151 27.96 16.96 13.39
C ARG E 151 26.89 16.14 14.12
N GLU E 152 25.89 15.66 13.38
CA GLU E 152 24.87 14.76 13.95
C GLU E 152 25.06 13.33 13.46
N LEU E 153 25.32 13.16 12.17
CA LEU E 153 25.38 11.85 11.55
C LEU E 153 26.62 11.79 10.67
N ASP E 154 27.62 11.05 11.11
CA ASP E 154 28.89 11.00 10.41
C ASP E 154 28.90 9.84 9.45
N LEU E 155 28.55 10.11 8.20
CA LEU E 155 28.44 9.03 7.23
C LEU E 155 29.82 8.67 6.71
N GLN E 156 30.19 7.42 6.92
CA GLN E 156 31.48 6.91 6.48
C GLN E 156 31.24 5.75 5.55
N MET E 157 32.12 5.56 4.58
CA MET E 157 31.92 4.48 3.65
C MET E 157 32.82 3.29 3.97
N GLN E 158 32.31 2.09 3.70
CA GLN E 158 33.09 0.86 3.77
C GLN E 158 33.25 0.35 2.36
N GLU E 159 34.26 -0.48 2.14
CA GLU E 159 34.78 -0.73 0.79
C GLU E 159 33.85 -1.53 -0.15
N ALA E 160 33.84 -1.11 -1.42
CA ALA E 160 33.02 -1.77 -2.44
C ALA E 160 33.53 -3.17 -2.75
N ASP E 161 32.59 -4.03 -3.12
CA ASP E 161 32.89 -5.38 -3.55
C ASP E 161 31.89 -5.66 -4.67
N ILE E 162 32.38 -6.16 -5.81
CA ILE E 162 31.48 -6.39 -6.93
C ILE E 162 31.25 -7.88 -7.20
N SER E 163 31.66 -8.72 -6.26
CA SER E 163 31.57 -10.16 -6.47
C SER E 163 30.11 -10.63 -6.44
N GLY E 164 29.24 -9.79 -5.89
CA GLY E 164 27.83 -10.13 -5.84
C GLY E 164 27.14 -9.94 -7.19
N TYR E 165 27.77 -9.19 -8.09
CA TYR E 165 27.17 -8.88 -9.37
C TYR E 165 26.89 -10.16 -10.17
N ILE E 166 25.65 -10.34 -10.64
CA ILE E 166 25.30 -11.57 -11.35
C ILE E 166 26.04 -11.65 -12.68
N PRO E 167 26.60 -12.83 -12.98
CA PRO E 167 27.47 -13.04 -14.14
C PRO E 167 26.74 -13.26 -15.46
N TYR E 168 25.46 -13.59 -15.42
CA TYR E 168 24.73 -13.92 -16.65
C TYR E 168 23.89 -12.72 -17.11
N SER E 169 24.29 -11.53 -16.66
CA SER E 169 23.64 -10.28 -17.03
C SER E 169 23.95 -9.87 -18.49
N ARG E 170 23.13 -9.00 -19.07
CA ARG E 170 23.39 -8.51 -20.42
C ARG E 170 24.28 -7.28 -20.37
N PHE E 171 24.54 -6.79 -19.17
CA PHE E 171 25.49 -5.71 -18.95
C PHE E 171 26.77 -6.16 -18.27
N GLU E 172 27.92 -5.61 -18.69
CA GLU E 172 29.15 -5.88 -17.96
C GLU E 172 29.68 -4.62 -17.27
N LEU E 173 30.20 -4.81 -16.06
CA LEU E 173 30.77 -3.70 -15.30
C LEU E 173 32.15 -3.34 -15.83
N VAL E 174 32.34 -2.08 -16.17
CA VAL E 174 33.58 -1.55 -16.73
C VAL E 174 34.39 -0.80 -15.67
N GLY E 175 33.66 -0.21 -14.72
CA GLY E 175 34.28 0.47 -13.61
C GLY E 175 33.33 0.66 -12.44
N VAL E 176 33.89 0.57 -11.24
CA VAL E 176 33.16 0.88 -10.02
C VAL E 176 34.02 1.74 -9.08
N THR E 177 33.37 2.70 -8.44
CA THR E 177 34.01 3.66 -7.54
C THR E 177 33.03 4.11 -6.45
N GLN E 178 33.48 4.09 -5.19
CA GLN E 178 32.75 4.77 -4.13
C GLN E 178 33.60 5.96 -3.71
N LYS E 179 32.97 6.97 -3.13
CA LYS E 179 33.68 8.17 -2.69
C LYS E 179 32.83 9.00 -1.75
N ARG E 180 33.40 9.39 -0.61
CA ARG E 180 32.73 10.23 0.36
C ARG E 180 33.06 11.70 0.15
N SER E 181 32.04 12.55 0.25
CA SER E 181 32.25 13.99 0.12
C SER E 181 31.44 14.72 1.18
N GLU E 182 31.71 16.02 1.31
CA GLU E 182 31.08 16.85 2.31
C GLU E 182 30.78 18.19 1.65
N ARG E 183 29.52 18.42 1.33
CA ARG E 183 29.13 19.63 0.61
C ARG E 183 28.27 20.52 1.47
N PHE E 184 28.32 21.82 1.19
CA PHE E 184 27.34 22.76 1.73
C PHE E 184 26.14 22.86 0.78
N TYR E 185 24.97 23.14 1.33
CA TYR E 185 23.77 23.37 0.51
C TYR E 185 23.25 24.76 0.85
N GLU E 186 22.56 25.38 -0.11
CA GLU E 186 22.03 26.72 0.07
C GLU E 186 21.26 26.77 1.39
N CYS E 187 20.44 25.73 1.59
CA CYS E 187 19.93 25.27 2.89
C CYS E 187 20.60 25.79 4.17
N CYS E 188 21.60 25.05 4.63
CA CYS E 188 22.03 25.08 6.03
C CYS E 188 23.46 25.57 6.23
N LYS E 189 23.78 25.87 7.49
CA LYS E 189 25.10 26.39 7.86
C LYS E 189 26.06 25.24 8.09
N GLU E 190 25.49 24.04 8.19
CA GLU E 190 26.29 22.85 8.42
C GLU E 190 26.39 22.07 7.14
N PRO E 191 27.58 21.54 6.87
CA PRO E 191 27.79 20.64 5.75
C PRO E 191 27.12 19.27 5.95
N TYR E 192 26.78 18.62 4.86
CA TYR E 192 26.18 17.30 4.85
C TYR E 192 27.09 16.37 4.08
N PRO E 193 27.46 15.23 4.68
CA PRO E 193 28.27 14.28 3.92
C PRO E 193 27.43 13.42 2.99
N ASP E 194 28.06 12.86 1.96
CA ASP E 194 27.38 11.83 1.18
C ASP E 194 28.38 10.78 0.68
N VAL E 195 27.85 9.66 0.24
CA VAL E 195 28.64 8.59 -0.35
C VAL E 195 28.09 8.39 -1.74
N THR E 196 28.96 8.37 -2.74
CA THR E 196 28.50 8.25 -4.11
C THR E 196 29.11 7.00 -4.70
N PHE E 197 28.23 6.12 -5.16
CA PHE E 197 28.60 4.89 -5.84
C PHE E 197 28.55 5.14 -7.34
N THR E 198 29.72 5.21 -7.96
CA THR E 198 29.81 5.51 -9.38
C THR E 198 30.06 4.24 -10.17
N VAL E 199 29.11 3.84 -11.00
CA VAL E 199 29.26 2.60 -11.72
C VAL E 199 29.22 2.81 -13.23
N THR E 200 30.20 2.24 -13.93
CA THR E 200 30.27 2.31 -15.36
C THR E 200 30.08 0.92 -15.97
N PHE E 201 29.21 0.83 -16.98
CA PHE E 201 28.75 -0.45 -17.51
C PHE E 201 28.35 -0.35 -18.98
N ARG E 202 28.30 -1.49 -19.66
CA ARG E 202 27.98 -1.49 -21.08
C ARG E 202 27.31 -2.79 -21.48
N LYS E 203 26.63 -2.77 -22.62
CA LYS E 203 26.08 -3.99 -23.19
C LYS E 203 27.21 -4.92 -23.59
N LYS E 204 27.03 -6.21 -23.34
CA LYS E 204 28.05 -7.18 -23.66
C LYS E 204 28.13 -7.38 -25.16
N GLY E 205 29.34 -7.30 -25.71
CA GLY E 205 29.55 -7.36 -27.14
C GLY E 205 30.52 -6.31 -27.63
C1 NAG F . 14.15 29.26 12.81
C2 NAG F . 14.94 30.36 13.52
C3 NAG F . 14.34 31.71 13.17
C4 NAG F . 14.28 31.90 11.67
C5 NAG F . 13.57 30.73 11.00
C6 NAG F . 13.67 30.78 9.50
C7 NAG F . 16.09 30.20 15.68
C8 NAG F . 15.92 30.00 17.15
N2 NAG F . 14.96 30.16 14.96
O3 NAG F . 15.12 32.75 13.77
O4 NAG F . 13.59 33.11 11.37
O5 NAG F . 14.18 29.49 11.41
O6 NAG F . 15.01 30.96 9.10
O7 NAG F . 17.18 30.36 15.17
C1 NAG F . 13.85 34.41 10.84
C2 NAG F . 12.66 35.20 10.26
C3 NAG F . 13.11 36.59 9.81
C4 NAG F . 13.83 37.30 10.95
C5 NAG F . 14.99 36.43 11.44
C6 NAG F . 15.76 37.03 12.58
C7 NAG F . 10.84 33.90 9.24
C8 NAG F . 10.35 33.20 8.01
N2 NAG F . 12.05 34.47 9.16
O3 NAG F . 11.98 37.36 9.42
O4 NAG F . 14.29 38.59 10.57
O5 NAG F . 14.46 35.17 11.89
O6 NAG F . 15.06 36.90 13.81
O7 NAG F . 10.17 33.95 10.27
C1 BMA F . 13.42 39.63 11.10
C2 BMA F . 14.58 40.61 11.32
C3 BMA F . 14.16 42.06 11.49
C4 BMA F . 13.03 42.45 10.56
C5 BMA F . 11.85 41.48 10.65
C6 BMA F . 10.71 41.85 9.69
O2 BMA F . 15.48 40.54 10.22
O3 BMA F . 15.30 42.84 11.13
O4 BMA F . 12.62 43.76 10.95
O5 BMA F . 12.26 40.13 10.42
O6 BMA F . 10.33 40.73 8.88
C1 MAN F . 16.52 43.56 11.31
C2 MAN F . 17.66 42.70 11.83
C3 MAN F . 18.25 43.28 13.10
C4 MAN F . 18.44 44.82 13.03
C5 MAN F . 17.16 45.48 12.54
C6 MAN F . 17.28 46.97 12.32
O2 MAN F . 18.76 42.66 10.89
O3 MAN F . 19.50 42.63 13.39
O4 MAN F . 18.81 45.37 14.30
O5 MAN F . 16.82 44.90 11.28
O6 MAN F . 16.30 47.63 13.09
C1 NAG G . -23.06 25.69 7.47
C2 NAG G . -23.73 27.03 7.78
C3 NAG G . -25.13 27.09 7.15
C4 NAG G . -25.04 26.78 5.66
C5 NAG G . -24.37 25.42 5.46
C6 NAG G . -24.19 25.06 4.02
C7 NAG G . -23.33 28.34 9.81
C8 NAG G . -23.50 28.40 11.30
N2 NAG G . -23.81 27.25 9.21
O3 NAG G . -25.66 28.39 7.34
O4 NAG G . -26.33 26.80 5.03
O5 NAG G . -23.06 25.47 6.04
O6 NAG G . -23.31 25.97 3.38
O7 NAG G . -22.80 29.24 9.18
C1 NAG G . -27.06 27.25 3.86
C2 NAG G . -28.32 26.38 3.84
C3 NAG G . -29.32 26.89 2.79
C4 NAG G . -29.60 28.37 2.99
C5 NAG G . -28.29 29.15 2.96
C6 NAG G . -28.46 30.63 3.19
C7 NAG G . -28.21 24.01 4.48
C8 NAG G . -27.82 22.63 4.04
N2 NAG G . -27.99 24.99 3.58
O3 NAG G . -30.53 26.15 2.88
O4 NAG G . -30.47 28.85 1.96
O5 NAG G . -27.42 28.66 3.99
O6 NAG G . -29.21 30.90 4.37
O7 NAG G . -28.70 24.22 5.57
C1 NAG H . -31.41 -11.71 9.76
C2 NAG H . -32.89 -11.77 10.12
C3 NAG H . -33.39 -13.20 9.97
C4 NAG H . -33.14 -13.69 8.55
C5 NAG H . -31.65 -13.56 8.22
C6 NAG H . -31.34 -13.88 6.77
C7 NAG H . -34.07 -10.36 11.73
C8 NAG H . -34.21 -9.96 13.17
N2 NAG H . -33.13 -11.27 11.46
O3 NAG H . -34.77 -13.26 10.30
O4 NAG H . -33.56 -15.05 8.40
O5 NAG H . -31.19 -12.21 8.44
O6 NAG H . -31.47 -12.72 5.95
O7 NAG H . -34.78 -9.88 10.85
C1 NAG H . -34.45 -15.95 7.68
C2 NAG H . -33.86 -17.19 7.00
C3 NAG H . -34.58 -17.45 5.67
C4 NAG H . -36.08 -17.54 5.89
C5 NAG H . -36.58 -16.28 6.61
C6 NAG H . -38.05 -16.34 6.95
C7 NAG H . -31.52 -17.51 7.68
C8 NAG H . -30.08 -17.29 7.31
N2 NAG H . -32.43 -17.06 6.79
O3 NAG H . -34.11 -18.67 5.10
O4 NAG H . -36.75 -17.68 4.65
O5 NAG H . -35.87 -16.11 7.85
O6 NAG H . -38.27 -16.19 8.35
O7 NAG H . -31.86 -18.04 8.73
C1 NAG I . 0.70 -31.01 16.86
C2 NAG I . 0.46 -32.40 17.46
C3 NAG I . 1.70 -33.27 17.30
C4 NAG I . 2.15 -33.30 15.84
C5 NAG I . 2.39 -31.87 15.39
C6 NAG I . 2.83 -31.75 13.95
C7 NAG I . -1.18 -32.53 19.30
C8 NAG I . -1.39 -32.36 20.77
N2 NAG I . 0.07 -32.29 18.86
O3 NAG I . 1.43 -34.60 17.75
O4 NAG I . 3.31 -34.10 15.66
O5 NAG I . 1.16 -31.13 15.50
O6 NAG I . 1.86 -32.30 13.07
O7 NAG I . -2.08 -32.85 18.54
C1 NAG I . 3.67 -35.11 14.69
C2 NAG I . 5.11 -35.40 14.21
C3 NAG I . 5.17 -36.72 13.43
C4 NAG I . 4.49 -37.84 14.18
C5 NAG I . 3.08 -37.42 14.56
C6 NAG I . 2.32 -38.46 15.34
C7 NAG I . 6.38 -33.32 13.90
C8 NAG I . 6.81 -32.27 12.92
N2 NAG I . 5.62 -34.30 13.42
O3 NAG I . 6.53 -37.07 13.17
O4 NAG I . 4.46 -39.04 13.39
O5 NAG I . 3.14 -36.25 15.37
O6 NAG I . 1.20 -37.88 16.00
O7 NAG I . 6.71 -33.28 15.08
C1 NAG J . 29.54 -5.37 18.68
C2 NAG J . 30.70 -5.96 19.46
C3 NAG J . 31.95 -5.07 19.30
C4 NAG J . 32.23 -4.78 17.83
C5 NAG J . 30.98 -4.26 17.14
C6 NAG J . 31.17 -4.16 15.65
C7 NAG J . 30.48 -7.30 21.49
C8 NAG J . 30.14 -7.29 22.95
N2 NAG J . 30.37 -6.13 20.86
O3 NAG J . 33.06 -5.75 19.87
O4 NAG J . 33.26 -3.79 17.68
O5 NAG J . 29.90 -5.19 17.34
O6 NAG J . 31.36 -5.45 15.11
O7 NAG J . 30.83 -8.32 20.91
C1 NAG J . 34.47 -3.32 17.04
C2 NAG J . 34.85 -1.88 16.72
C3 NAG J . 36.34 -1.79 16.33
C4 NAG J . 37.21 -2.41 17.43
C5 NAG J . 36.75 -3.84 17.68
C6 NAG J . 37.51 -4.50 18.82
C7 NAG J . 32.99 -0.49 15.90
C8 NAG J . 32.22 -0.04 14.69
N2 NAG J . 34.01 -1.33 15.66
O3 NAG J . 36.73 -0.44 16.11
O4 NAG J . 38.58 -2.37 17.08
O5 NAG J . 35.36 -3.85 18.05
O6 NAG J . 36.63 -4.82 19.88
O7 NAG J . 32.69 -0.13 17.04
O1 L0B K . -13.96 25.20 -4.60
C3 L0B K . -14.18 24.81 -3.47
C21 L0B K . -10.05 19.58 -9.79
C10 L0B K . -11.16 19.49 -8.96
C19 L0B K . -11.57 20.62 -8.25
C17 L0B K . -10.87 21.83 -8.38
C18 L0B K . -9.76 21.90 -9.21
C20 L0B K . -9.35 20.78 -9.91
C14 L0B K . -11.13 22.75 -6.13
C11 L0B K . -10.95 23.94 -5.21
C13 L0B K . -9.59 23.89 -4.52
C15 L0B K . -9.42 24.96 -3.45
C12 L0B K . -10.57 24.95 -2.45
C9 L0B K . -11.86 25.03 -3.26
N1 L0B K . -11.98 23.86 -4.15
C22 L0B K . -11.87 22.60 -3.40
C8 L0B K . -13.11 24.98 -2.41
C16 L0B K . -11.34 23.02 -7.61
O2 L0B K . -12.73 23.22 -7.86
C4 L0B K . -16.41 24.03 -4.24
C1 L0B K . -15.47 24.13 -3.20
C2 L0B K . -15.76 23.59 -1.96
C5 L0B K . -16.99 22.97 -1.76
C6 L0B K . -17.92 22.87 -2.77
C7 L0B K . -17.63 23.40 -4.02
O1 L0B L . -27.81 -6.36 -3.39
C3 L0B L . -27.61 -6.45 -2.18
C21 L0B L . -22.10 -5.12 -8.59
C10 L0B L . -22.51 -5.87 -7.50
C19 L0B L . -23.70 -5.56 -6.82
C17 L0B L . -24.48 -4.49 -7.23
C18 L0B L . -24.07 -3.73 -8.33
C20 L0B L . -22.88 -4.05 -9.00
C14 L0B L . -25.43 -3.11 -5.42
C11 L0B L . -26.45 -2.98 -4.29
C13 L0B L . -26.18 -1.68 -3.53
C15 L0B L . -27.08 -1.52 -2.33
C12 L0B L . -26.98 -2.75 -1.44
C9 L0B L . -27.31 -3.99 -2.26
N1 L0B L . -26.35 -4.11 -3.36
C22 L0B L . -24.99 -4.21 -2.78
C8 L0B L . -27.20 -5.23 -1.39
C16 L0B L . -25.74 -4.14 -6.50
O2 L0B L . -26.30 -5.33 -5.94
C4 L0B L . -27.84 -8.95 -2.24
C1 L0B L . -27.78 -7.78 -1.50
C2 L0B L . -27.88 -7.85 -0.11
C5 L0B L . -28.03 -9.07 0.54
C6 L0B L . -28.12 -10.24 -0.22
C7 L0B L . -28.02 -10.18 -1.61
O1 L0B M . -2.79 -28.91 2.60
C3 L0B M . -2.72 -28.52 3.76
C21 L0B M . -2.14 -23.69 -3.64
C10 L0B M . -1.45 -24.23 -2.56
C19 L0B M . -2.04 -25.17 -1.72
C17 L0B M . -3.34 -25.59 -1.93
C18 L0B M . -4.04 -25.05 -3.01
C20 L0B M . -3.45 -24.11 -3.85
C14 L0B M . -4.95 -25.79 -0.09
C11 L0B M . -5.46 -26.47 1.16
C13 L0B M . -6.51 -25.54 1.79
C15 L0B M . -7.07 -26.09 3.10
C12 L0B M . -5.92 -26.41 4.05
C9 L0B M . -4.91 -27.34 3.37
N1 L0B M . -4.38 -26.73 2.12
C22 L0B M . -3.67 -25.48 2.45
C8 L0B M . -3.78 -27.62 4.35
C16 L0B M . -4.02 -26.58 -1.02
O2 L0B M . -3.07 -27.33 -0.26
C4 L0B M . -0.50 -29.66 4.07
C1 L0B M . -1.55 -28.92 4.61
C2 L0B M . -1.51 -28.55 5.96
C5 L0B M . -0.43 -28.93 6.75
C6 L0B M . 0.62 -29.66 6.20
C7 L0B M . 0.58 -30.02 4.86
O1 L0B N . 26.33 -11.41 5.83
C3 L0B N . 25.93 -11.14 6.96
C21 L0B N . 21.88 -10.94 -1.40
C10 L0B N . 22.54 -10.13 -0.49
C19 L0B N . 23.17 -10.69 0.62
C17 L0B N . 23.15 -12.07 0.83
C18 L0B N . 22.49 -12.88 -0.08
C20 L0B N . 21.86 -12.31 -1.20
C14 L0B N . 22.77 -12.74 3.14
C11 L0B N . 23.25 -13.35 4.45
C13 L0B N . 22.09 -14.13 5.06
C15 L0B N . 22.48 -14.72 6.40
C12 L0B N . 23.06 -13.65 7.30
C9 L0B N . 24.21 -12.93 6.62
N1 L0B N . 23.71 -12.30 5.38
C22 L0B N . 22.62 -11.34 5.64
C8 L0B N . 24.82 -11.92 7.59
C16 L0B N . 23.81 -12.67 2.02
O2 L0B N . 24.92 -11.88 2.45
C4 L0B N . 27.28 -9.04 7.01
C1 L0B N . 26.56 -10.00 7.71
C2 L0B N . 26.41 -9.90 9.09
C5 L0B N . 26.98 -8.83 9.76
C6 L0B N . 27.70 -7.87 9.06
C7 L0B N . 27.86 -7.97 7.69
O1 L0B O . 18.30 20.75 1.71
C3 L0B O . 18.13 20.63 2.91
C21 L0B O . 16.80 16.31 -4.97
C10 L0B O . 16.43 17.45 -4.27
C19 L0B O . 17.35 18.06 -3.41
C17 L0B O . 18.63 17.53 -3.25
C18 L0B O . 18.99 16.39 -3.94
C20 L0B O . 18.09 15.79 -4.81
C14 L0B O . 19.06 17.79 -0.93
C11 L0B O . 19.89 18.18 0.28
C13 L0B O . 20.66 16.95 0.73
C15 L0B O . 21.36 17.14 2.08
C12 L0B O . 20.32 17.57 3.11
C9 L0B O . 19.69 18.86 2.61
N1 L0B O . 18.97 18.60 1.36
C22 L0B O . 17.95 17.55 1.59
C8 L0B O . 18.70 19.42 3.62
C16 L0B O . 19.57 18.17 -2.30
O2 L0B O . 19.50 19.58 -2.45
C4 L0B O . 16.80 22.72 2.90
C1 L0B O . 17.35 21.68 3.64
C2 L0B O . 17.15 21.60 5.02
C5 L0B O . 16.41 22.60 5.64
C6 L0B O . 15.87 23.65 4.89
C7 L0B O . 16.06 23.71 3.52
#